data_3F5F
#
_entry.id   3F5F
#
_cell.length_a   152.647
_cell.length_b   152.647
_cell.length_c   85.686
_cell.angle_alpha   90.00
_cell.angle_beta   90.00
_cell.angle_gamma   120.00
#
_symmetry.space_group_name_H-M   'P 63'
#
loop_
_entity.id
_entity.type
_entity.pdbx_description
1 polymer 'Maltose-binding periplasmic protein, Heparan sulfate 2-O-sulfotransferase 1'
2 branched alpha-D-glucopyranose-(1-4)-alpha-D-glucopyranose
3 non-polymer "ADENOSINE-3'-5'-DIPHOSPHATE"
4 water water
#
_entity_poly.entity_id   1
_entity_poly.type   'polypeptide(L)'
_entity_poly.pdbx_seq_one_letter_code
;KIEEGKLVIWINGDKGYNGLAEVGKKFEKDTGIKVTVEHPDKLEEKFPQVAATGDGPDIIFWAHDRFGGYAQSGLLAEIT
PDKAFQDKLYPFTWDAVRYNGKLIAYPIAVEALSLIYNKDLLPNPPKTWEEIPALDKELKAKGKSALMFNLQEPYFTWPL
IAADGGYAFKYENGKYDIKDVGVDNAGAKAGLTFLVDLIKNKHMNADTDYSIAEAAFNKGETAMTINGPWAWSNIDTSKV
NYGVTVLPTFKGQPSKPFVGVLSAGINAASPNKELAKEFLENYLLTDEGLEAVNKDKPLGAVALKSYEEELAKDPRIAAT
MENAQKGEIMPNIPQMSAFWYAVRTAVINAASGRQTVDAALAAAQTNAAADEEDDVVIIYNRVPKTASTSFTNIAYDLCA
KNRYHVLHINTTKNNPVMSLQDQVRFVKNVTSWKEMKPGFYHGHVSYLDFAKFGVKKKPIYINVIRDPIERLVSYYYFLR
FGDDYRPGLRRRKQGDKKTFDECVAAGGSDCAPEKLWLQIPFFCGHSSECWNVGSRWALEQAKYNLINEYFLVGVTEELE
DFIMLLEAALPRFFRGATELYRTGKKSHLRKTTEKKLPTAATIAKLQQSEIWKMENEFYEFALEQFQFVRAHAVREKDGE
LYILAQNFFYEKIYPKSN
;
_entity_poly.pdbx_strand_id   A
#
loop_
_chem_comp.id
_chem_comp.type
_chem_comp.name
_chem_comp.formula
A3P RNA linking ADENOSINE-3'-5'-DIPHOSPHATE 'C10 H15 N5 O10 P2'
GLC D-saccharide, alpha linking alpha-D-glucopyranose 'C6 H12 O6'
#
# COMPACT_ATOMS: atom_id res chain seq x y z
N LYS A 1 -30.97 6.07 9.74
CA LYS A 1 -32.08 5.18 9.31
C LYS A 1 -32.57 5.57 7.92
N ILE A 2 -32.46 4.66 6.96
CA ILE A 2 -32.90 4.95 5.59
C ILE A 2 -34.40 5.18 5.62
N GLU A 3 -34.80 6.45 5.72
CA GLU A 3 -36.21 6.82 5.78
C GLU A 3 -37.03 6.46 4.55
N GLU A 4 -38.21 5.90 4.77
CA GLU A 4 -39.11 5.55 3.68
C GLU A 4 -39.97 6.76 3.33
N GLY A 5 -40.20 6.97 2.05
CA GLY A 5 -41.02 8.11 1.64
C GLY A 5 -40.26 9.19 0.89
N LYS A 6 -38.94 9.22 1.04
CA LYS A 6 -38.13 10.21 0.34
C LYS A 6 -36.89 9.53 -0.24
N LEU A 7 -36.02 10.31 -0.87
CA LEU A 7 -34.82 9.75 -1.46
C LEU A 7 -33.54 10.50 -1.08
N VAL A 8 -32.56 9.74 -0.62
CA VAL A 8 -31.27 10.30 -0.26
C VAL A 8 -30.24 9.83 -1.27
N ILE A 9 -29.64 10.77 -1.99
CA ILE A 9 -28.64 10.45 -3.00
C ILE A 9 -27.25 10.95 -2.64
N TRP A 10 -26.24 10.11 -2.87
CA TRP A 10 -24.86 10.48 -2.59
C TRP A 10 -24.07 10.53 -3.89
N ILE A 11 -23.34 11.63 -4.09
CA ILE A 11 -22.53 11.79 -5.28
C ILE A 11 -21.29 12.61 -4.92
N ASN A 12 -20.15 12.28 -5.54
CA ASN A 12 -18.90 12.97 -5.27
C ASN A 12 -19.00 14.47 -5.54
N GLY A 13 -18.27 15.25 -4.75
CA GLY A 13 -18.31 16.70 -4.86
C GLY A 13 -17.73 17.36 -6.10
N ASP A 14 -17.00 16.60 -6.91
CA ASP A 14 -16.43 17.15 -8.13
C ASP A 14 -17.48 17.11 -9.25
N LYS A 15 -18.51 16.30 -9.05
CA LYS A 15 -19.59 16.12 -10.03
C LYS A 15 -20.61 17.25 -9.85
N GLY A 16 -21.53 17.37 -10.79
CA GLY A 16 -22.55 18.42 -10.74
C GLY A 16 -23.76 18.06 -9.90
N TYR A 17 -23.56 17.98 -8.59
CA TYR A 17 -24.62 17.64 -7.66
C TYR A 17 -25.74 18.68 -7.56
N ASN A 18 -25.43 19.94 -7.83
CA ASN A 18 -26.47 20.98 -7.76
C ASN A 18 -27.47 20.73 -8.87
N GLY A 19 -26.96 20.36 -10.04
CA GLY A 19 -27.81 20.08 -11.18
C GLY A 19 -28.64 18.85 -10.90
N LEU A 20 -28.03 17.89 -10.20
CA LEU A 20 -28.71 16.65 -9.85
C LEU A 20 -29.90 16.98 -8.95
N ALA A 21 -29.69 17.97 -8.08
CA ALA A 21 -30.73 18.41 -7.15
C ALA A 21 -31.94 18.91 -7.94
N GLU A 22 -31.69 19.66 -9.01
CA GLU A 22 -32.78 20.16 -9.86
C GLU A 22 -33.64 19.01 -10.38
N VAL A 23 -32.99 17.89 -10.70
CA VAL A 23 -33.72 16.73 -11.18
C VAL A 23 -34.54 16.20 -10.01
N GLY A 24 -34.00 16.35 -8.80
CA GLY A 24 -34.71 15.90 -7.60
C GLY A 24 -35.95 16.75 -7.39
N LYS A 25 -35.79 18.06 -7.58
CA LYS A 25 -36.90 19.00 -7.46
C LYS A 25 -38.02 18.69 -8.45
N LYS A 26 -37.64 18.33 -9.68
CA LYS A 26 -38.61 17.99 -10.71
C LYS A 26 -39.37 16.76 -10.24
N PHE A 27 -38.64 15.83 -9.62
CA PHE A 27 -39.21 14.59 -9.11
C PHE A 27 -40.19 14.87 -7.97
N GLU A 28 -39.88 15.88 -7.15
CA GLU A 28 -40.78 16.20 -6.05
C GLU A 28 -42.06 16.82 -6.58
N LYS A 29 -41.94 17.69 -7.56
CA LYS A 29 -43.10 18.35 -8.13
C LYS A 29 -44.03 17.41 -8.91
N ASP A 30 -43.56 16.23 -9.26
CA ASP A 30 -44.41 15.29 -10.01
C ASP A 30 -44.86 14.07 -9.22
N THR A 31 -44.29 13.87 -8.03
CA THR A 31 -44.64 12.71 -7.21
C THR A 31 -44.82 13.07 -5.73
N GLY A 32 -44.37 14.26 -5.35
CA GLY A 32 -44.49 14.66 -3.96
C GLY A 32 -43.41 14.06 -3.07
N ILE A 33 -42.48 13.33 -3.67
CA ILE A 33 -41.39 12.73 -2.90
C ILE A 33 -40.16 13.63 -2.90
N LYS A 34 -39.75 14.05 -1.71
CA LYS A 34 -38.60 14.92 -1.51
C LYS A 34 -37.31 14.14 -1.85
N VAL A 35 -36.40 14.82 -2.54
CA VAL A 35 -35.14 14.21 -2.94
C VAL A 35 -33.98 15.04 -2.45
N THR A 36 -33.16 14.45 -1.58
CA THR A 36 -32.00 15.16 -1.04
C THR A 36 -30.69 14.60 -1.60
N VAL A 37 -29.91 15.48 -2.23
CA VAL A 37 -28.64 15.08 -2.79
C VAL A 37 -27.53 15.61 -1.88
N GLU A 38 -26.59 14.73 -1.55
CA GLU A 38 -25.48 15.12 -0.68
C GLU A 38 -24.16 14.64 -1.24
N HIS A 39 -23.08 15.33 -0.87
CA HIS A 39 -21.75 14.97 -1.35
C HIS A 39 -20.74 14.90 -0.21
N PRO A 40 -20.70 13.76 0.50
CA PRO A 40 -19.78 13.52 1.63
C PRO A 40 -18.32 13.34 1.19
N ASP A 41 -17.39 13.36 2.14
CA ASP A 41 -15.98 13.18 1.83
C ASP A 41 -15.73 11.68 1.92
N LYS A 42 -14.70 11.19 1.22
CA LYS A 42 -14.39 9.77 1.22
C LYS A 42 -15.67 8.96 0.99
N LEU A 43 -16.41 9.39 -0.03
CA LEU A 43 -17.68 8.77 -0.38
C LEU A 43 -17.57 7.28 -0.63
N GLU A 44 -16.61 6.88 -1.46
CA GLU A 44 -16.45 5.46 -1.78
C GLU A 44 -16.09 4.60 -0.55
N GLU A 45 -15.65 5.23 0.53
CA GLU A 45 -15.30 4.50 1.75
C GLU A 45 -16.45 4.59 2.76
N LYS A 46 -17.11 5.74 2.82
CA LYS A 46 -18.23 5.93 3.73
C LYS A 46 -19.36 4.97 3.43
N PHE A 47 -19.74 4.87 2.16
CA PHE A 47 -20.84 4.00 1.76
C PHE A 47 -20.75 2.57 2.31
N PRO A 48 -19.72 1.81 1.89
CA PRO A 48 -19.58 0.43 2.37
C PRO A 48 -19.70 0.25 3.88
N GLN A 49 -19.45 1.33 4.62
CA GLN A 49 -19.55 1.27 6.08
C GLN A 49 -21.01 1.55 6.48
N VAL A 50 -21.38 2.82 6.43
CA VAL A 50 -22.73 3.25 6.75
C VAL A 50 -23.79 2.33 6.13
N ALA A 51 -23.44 1.68 5.02
CA ALA A 51 -24.37 0.80 4.32
C ALA A 51 -24.37 -0.63 4.84
N ALA A 52 -23.21 -1.11 5.27
CA ALA A 52 -23.08 -2.47 5.79
C ALA A 52 -23.94 -2.69 7.02
N THR A 53 -24.56 -1.61 7.51
CA THR A 53 -25.41 -1.71 8.69
C THR A 53 -26.84 -1.31 8.37
N GLY A 54 -27.28 -1.59 7.14
CA GLY A 54 -28.64 -1.27 6.72
C GLY A 54 -29.02 0.20 6.75
N ASP A 55 -28.03 1.08 6.63
CA ASP A 55 -28.28 2.51 6.63
C ASP A 55 -27.62 3.17 5.40
N GLY A 56 -27.48 4.49 5.39
CA GLY A 56 -26.86 5.17 4.27
C GLY A 56 -27.83 5.75 3.26
N PRO A 57 -27.36 6.16 2.07
CA PRO A 57 -28.20 6.74 1.01
C PRO A 57 -29.06 5.71 0.31
N ASP A 58 -30.06 6.16 -0.45
CA ASP A 58 -30.91 5.24 -1.19
C ASP A 58 -30.17 4.88 -2.47
N ILE A 59 -29.57 5.92 -3.06
CA ILE A 59 -28.84 5.80 -4.30
C ILE A 59 -27.41 6.30 -4.13
N ILE A 60 -26.46 5.46 -4.54
CA ILE A 60 -25.05 5.80 -4.44
C ILE A 60 -24.46 5.99 -5.84
N PHE A 61 -23.81 7.12 -6.05
CA PHE A 61 -23.18 7.42 -7.34
C PHE A 61 -21.65 7.26 -7.25
N TRP A 62 -21.07 6.53 -8.20
CA TRP A 62 -19.62 6.36 -8.24
C TRP A 62 -19.21 5.64 -9.51
N ALA A 63 -17.94 5.70 -9.86
CA ALA A 63 -17.45 5.00 -11.04
C ALA A 63 -17.78 3.52 -10.80
N HIS A 64 -18.00 2.78 -11.87
CA HIS A 64 -18.35 1.37 -11.74
C HIS A 64 -17.30 0.48 -11.03
N ASP A 65 -16.04 0.89 -11.04
CA ASP A 65 -14.99 0.05 -10.45
C ASP A 65 -15.18 -0.45 -9.02
N ARG A 66 -15.83 0.32 -8.15
CA ARG A 66 -16.01 -0.12 -6.78
C ARG A 66 -17.32 -0.86 -6.51
N PHE A 67 -18.29 -0.70 -7.41
CA PHE A 67 -19.58 -1.36 -7.25
C PHE A 67 -19.49 -2.89 -7.18
N GLY A 68 -18.41 -3.46 -7.72
CA GLY A 68 -18.25 -4.90 -7.65
C GLY A 68 -18.19 -5.35 -6.19
N GLY A 69 -17.31 -4.71 -5.42
CA GLY A 69 -17.17 -5.01 -4.01
C GLY A 69 -18.47 -4.78 -3.26
N TYR A 70 -19.13 -3.65 -3.54
CA TYR A 70 -20.39 -3.34 -2.89
C TYR A 70 -21.37 -4.47 -3.13
N ALA A 71 -21.35 -4.99 -4.36
CA ALA A 71 -22.23 -6.08 -4.75
C ALA A 71 -21.89 -7.34 -3.95
N GLN A 72 -20.64 -7.77 -4.05
CA GLN A 72 -20.20 -8.95 -3.33
C GLN A 72 -20.55 -8.90 -1.85
N SER A 73 -20.68 -7.69 -1.31
CA SER A 73 -21.00 -7.54 0.11
C SER A 73 -22.51 -7.38 0.36
N GLY A 74 -23.31 -7.52 -0.70
CA GLY A 74 -24.74 -7.39 -0.59
C GLY A 74 -25.24 -6.03 -0.15
N LEU A 75 -24.58 -4.97 -0.62
CA LEU A 75 -24.98 -3.61 -0.25
C LEU A 75 -25.79 -3.00 -1.39
N LEU A 76 -25.79 -3.69 -2.52
CA LEU A 76 -26.52 -3.24 -3.70
C LEU A 76 -27.67 -4.18 -4.07
N ALA A 77 -28.77 -3.58 -4.52
CA ALA A 77 -29.94 -4.33 -4.96
C ALA A 77 -29.82 -4.49 -6.48
N GLU A 78 -30.35 -5.57 -7.03
CA GLU A 78 -30.28 -5.76 -8.48
C GLU A 78 -31.26 -4.83 -9.19
N ILE A 79 -30.81 -4.22 -10.28
CA ILE A 79 -31.69 -3.32 -11.02
C ILE A 79 -32.42 -4.10 -12.10
N THR A 80 -33.71 -3.79 -12.24
CA THR A 80 -34.56 -4.48 -13.20
C THR A 80 -35.14 -3.61 -14.33
N PRO A 81 -34.27 -3.06 -15.17
CA PRO A 81 -34.81 -2.24 -16.27
C PRO A 81 -35.31 -3.15 -17.39
N ASP A 82 -36.45 -2.80 -17.99
CA ASP A 82 -36.96 -3.63 -19.07
C ASP A 82 -36.15 -3.31 -20.33
N LYS A 83 -36.05 -4.25 -21.27
CA LYS A 83 -35.26 -4.03 -22.47
C LYS A 83 -35.64 -2.75 -23.22
N ALA A 84 -36.80 -2.20 -22.92
CA ALA A 84 -37.22 -0.97 -23.57
C ALA A 84 -36.30 0.16 -23.08
N PHE A 85 -35.93 0.10 -21.80
CA PHE A 85 -35.05 1.10 -21.20
C PHE A 85 -33.60 0.74 -21.51
N GLN A 86 -33.26 -0.53 -21.35
CA GLN A 86 -31.90 -0.99 -21.61
C GLN A 86 -31.44 -0.59 -23.02
N ASP A 87 -32.38 -0.61 -23.97
CA ASP A 87 -32.03 -0.28 -25.34
C ASP A 87 -31.69 1.19 -25.61
N LYS A 88 -32.07 2.11 -24.72
CA LYS A 88 -31.73 3.52 -24.96
C LYS A 88 -30.37 3.93 -24.41
N LEU A 89 -29.62 2.95 -23.90
CA LEU A 89 -28.28 3.19 -23.35
C LEU A 89 -27.28 2.30 -24.11
N TYR A 90 -26.07 2.81 -24.33
CA TYR A 90 -25.04 2.07 -25.03
C TYR A 90 -24.74 0.72 -24.37
N PRO A 91 -24.74 -0.36 -25.15
CA PRO A 91 -24.48 -1.71 -24.62
C PRO A 91 -23.22 -1.91 -23.78
N PHE A 92 -22.12 -1.25 -24.16
CA PHE A 92 -20.87 -1.42 -23.42
C PHE A 92 -20.89 -0.76 -22.04
N THR A 93 -21.83 0.15 -21.83
CA THR A 93 -21.95 0.82 -20.54
C THR A 93 -22.70 -0.10 -19.55
N TRP A 94 -23.57 -0.95 -20.08
CA TRP A 94 -24.28 -1.89 -19.22
C TRP A 94 -23.30 -2.97 -18.75
N ASP A 95 -22.27 -3.22 -19.55
CA ASP A 95 -21.29 -4.23 -19.17
C ASP A 95 -20.51 -3.78 -17.95
N ALA A 96 -20.24 -2.48 -17.87
CA ALA A 96 -19.47 -1.93 -16.77
C ALA A 96 -20.19 -2.13 -15.44
N VAL A 97 -21.52 -2.17 -15.49
CA VAL A 97 -22.30 -2.36 -14.28
C VAL A 97 -22.83 -3.78 -14.10
N ARG A 98 -22.18 -4.72 -14.77
CA ARG A 98 -22.59 -6.11 -14.64
C ARG A 98 -21.58 -6.90 -13.78
N TYR A 99 -22.07 -7.45 -12.68
CA TYR A 99 -21.25 -8.24 -11.78
C TYR A 99 -21.96 -9.58 -11.55
N ASN A 100 -21.26 -10.66 -11.85
CA ASN A 100 -21.81 -12.01 -11.70
C ASN A 100 -23.12 -12.19 -12.47
N GLY A 101 -23.15 -11.70 -13.71
CA GLY A 101 -24.34 -11.82 -14.53
C GLY A 101 -25.46 -10.85 -14.24
N LYS A 102 -25.52 -10.31 -13.02
CA LYS A 102 -26.57 -9.36 -12.65
C LYS A 102 -26.19 -7.92 -12.96
N LEU A 103 -27.19 -7.07 -13.19
CA LEU A 103 -26.94 -5.65 -13.44
C LEU A 103 -27.10 -5.00 -12.06
N ILE A 104 -26.00 -4.47 -11.53
CA ILE A 104 -26.00 -3.88 -10.20
C ILE A 104 -26.01 -2.36 -10.10
N ALA A 105 -26.21 -1.68 -11.22
CA ALA A 105 -26.23 -0.22 -11.21
C ALA A 105 -26.63 0.33 -12.57
N TYR A 106 -27.11 1.55 -12.59
CA TYR A 106 -27.46 2.18 -13.84
C TYR A 106 -26.26 3.00 -14.29
N PRO A 107 -25.78 2.77 -15.52
CA PRO A 107 -24.63 3.56 -16.00
C PRO A 107 -25.11 4.97 -16.34
N ILE A 108 -24.25 5.97 -16.16
CA ILE A 108 -24.65 7.35 -16.45
C ILE A 108 -23.76 7.99 -17.51
N ALA A 109 -22.45 7.95 -17.30
CA ALA A 109 -21.55 8.55 -18.26
C ALA A 109 -20.17 7.88 -18.25
N VAL A 110 -19.44 8.09 -19.34
CA VAL A 110 -18.10 7.52 -19.49
C VAL A 110 -17.08 8.61 -19.22
N GLU A 111 -16.22 8.38 -18.23
CA GLU A 111 -15.20 9.35 -17.86
C GLU A 111 -13.79 8.89 -18.21
N ALA A 112 -13.01 9.79 -18.79
CA ALA A 112 -11.64 9.48 -19.11
C ALA A 112 -10.84 10.75 -18.96
N LEU A 113 -9.61 10.61 -18.48
CA LEU A 113 -8.70 11.72 -18.29
C LEU A 113 -8.11 12.20 -19.62
N SER A 114 -7.95 13.51 -19.75
CA SER A 114 -7.38 14.11 -20.95
C SER A 114 -6.35 15.15 -20.54
N LEU A 115 -5.52 15.57 -21.49
CA LEU A 115 -4.53 16.61 -21.22
C LEU A 115 -5.24 17.93 -21.48
N ILE A 116 -5.17 18.84 -20.51
CA ILE A 116 -5.81 20.14 -20.63
C ILE A 116 -4.74 21.24 -20.58
N TYR A 117 -4.53 21.90 -21.71
CA TYR A 117 -3.50 22.93 -21.81
C TYR A 117 -4.03 24.35 -22.04
N ASN A 118 -3.14 25.32 -21.81
CA ASN A 118 -3.47 26.74 -21.97
C ASN A 118 -3.04 27.28 -23.35
N LYS A 119 -4.01 27.39 -24.26
CA LYS A 119 -3.77 27.87 -25.62
C LYS A 119 -2.84 29.08 -25.71
N ASP A 120 -3.04 30.05 -24.82
CA ASP A 120 -2.23 31.25 -24.80
C ASP A 120 -0.79 30.97 -24.39
N LEU A 121 -0.59 30.09 -23.41
CA LEU A 121 0.77 29.78 -22.97
C LEU A 121 1.43 28.69 -23.81
N LEU A 122 0.68 27.65 -24.11
CA LEU A 122 1.23 26.53 -24.86
C LEU A 122 0.44 26.28 -26.12
N PRO A 123 0.68 27.07 -27.17
CA PRO A 123 -0.01 26.96 -28.46
C PRO A 123 -0.10 25.51 -28.93
N ASN A 124 1.04 24.83 -28.97
CA ASN A 124 1.07 23.45 -29.41
C ASN A 124 1.47 22.51 -28.28
N PRO A 125 0.48 21.83 -27.66
CA PRO A 125 0.73 20.91 -26.55
C PRO A 125 1.70 19.80 -26.94
N PRO A 126 2.54 19.36 -25.98
CA PRO A 126 3.54 18.31 -26.21
C PRO A 126 2.91 16.95 -26.49
N LYS A 127 3.47 16.23 -27.46
CA LYS A 127 2.95 14.92 -27.83
C LYS A 127 3.47 13.81 -26.94
N THR A 128 4.64 14.00 -26.34
CA THR A 128 5.24 12.99 -25.47
C THR A 128 5.61 13.55 -24.10
N TRP A 129 5.76 12.65 -23.14
CA TRP A 129 6.14 13.03 -21.78
C TRP A 129 7.60 13.49 -21.79
N GLU A 130 8.43 12.77 -22.53
CA GLU A 130 9.86 13.07 -22.60
C GLU A 130 10.21 14.51 -22.97
N GLU A 131 9.31 15.20 -23.64
CA GLU A 131 9.59 16.58 -24.03
C GLU A 131 9.07 17.61 -23.03
N ILE A 132 8.43 17.16 -21.95
CA ILE A 132 7.91 18.10 -20.98
C ILE A 132 8.96 18.73 -20.06
N PRO A 133 10.09 18.04 -19.82
CA PRO A 133 11.07 18.67 -18.93
C PRO A 133 11.69 19.92 -19.59
N ALA A 134 12.08 19.79 -20.85
CA ALA A 134 12.66 20.90 -21.59
C ALA A 134 11.67 22.07 -21.61
N LEU A 135 10.42 21.76 -21.88
CA LEU A 135 9.35 22.77 -21.94
C LEU A 135 9.22 23.55 -20.65
N ASP A 136 9.32 22.85 -19.52
CA ASP A 136 9.19 23.49 -18.21
C ASP A 136 10.35 24.46 -17.99
N LYS A 137 11.51 24.13 -18.53
CA LYS A 137 12.66 25.01 -18.38
C LYS A 137 12.38 26.33 -19.08
N GLU A 138 11.76 26.25 -20.25
CA GLU A 138 11.41 27.44 -21.00
C GLU A 138 10.31 28.21 -20.28
N LEU A 139 9.26 27.50 -19.87
CA LEU A 139 8.13 28.10 -19.19
C LEU A 139 8.47 28.66 -17.81
N LYS A 140 9.50 28.07 -17.17
CA LYS A 140 9.91 28.51 -15.84
C LYS A 140 10.58 29.88 -15.98
N ALA A 141 11.36 30.03 -17.05
CA ALA A 141 12.07 31.27 -17.34
C ALA A 141 11.11 32.44 -17.63
N LYS A 142 9.83 32.13 -17.80
CA LYS A 142 8.82 33.15 -18.07
C LYS A 142 7.88 33.30 -16.87
N GLY A 143 8.30 32.76 -15.73
CA GLY A 143 7.49 32.82 -14.51
C GLY A 143 6.32 31.85 -14.49
N LYS A 144 6.37 30.84 -15.35
CA LYS A 144 5.31 29.84 -15.43
C LYS A 144 5.82 28.43 -15.16
N SER A 145 4.89 27.48 -15.16
CA SER A 145 5.19 26.07 -14.94
C SER A 145 4.61 25.32 -16.13
N ALA A 146 5.20 24.19 -16.49
CA ALA A 146 4.72 23.41 -17.61
C ALA A 146 3.47 22.58 -17.31
N LEU A 147 3.57 21.68 -16.34
CA LEU A 147 2.48 20.77 -15.98
C LEU A 147 2.18 20.66 -14.47
N MET A 148 0.91 20.51 -14.15
CA MET A 148 0.48 20.35 -12.76
C MET A 148 -0.83 19.60 -12.64
N PHE A 149 -0.82 18.47 -11.93
CA PHE A 149 -2.03 17.68 -11.71
C PHE A 149 -1.94 16.91 -10.40
N ASN A 150 -3.08 16.44 -9.93
CA ASN A 150 -3.20 15.68 -8.69
C ASN A 150 -2.27 14.47 -8.61
N LEU A 151 -1.27 14.52 -7.75
CA LEU A 151 -0.31 13.42 -7.58
C LEU A 151 -0.66 12.61 -6.33
N GLN A 152 -1.85 12.86 -5.81
CA GLN A 152 -2.32 12.18 -4.61
C GLN A 152 -3.20 10.97 -4.90
N GLU A 153 -3.95 11.04 -6.00
CA GLU A 153 -4.83 9.95 -6.39
C GLU A 153 -4.16 9.18 -7.52
N PRO A 154 -3.96 7.87 -7.35
CA PRO A 154 -3.32 7.07 -8.40
C PRO A 154 -4.10 7.10 -9.72
N TYR A 155 -5.31 7.63 -9.66
CA TYR A 155 -6.16 7.75 -10.84
C TYR A 155 -5.49 8.61 -11.90
N PHE A 156 -4.89 9.72 -11.48
CA PHE A 156 -4.23 10.64 -12.40
C PHE A 156 -2.84 10.21 -12.81
N THR A 157 -2.20 9.40 -11.98
CA THR A 157 -0.84 8.94 -12.25
C THR A 157 -0.80 7.66 -13.09
N TRP A 158 -1.82 6.84 -12.90
CA TRP A 158 -1.93 5.57 -13.60
C TRP A 158 -1.71 5.58 -15.12
N PRO A 159 -2.23 6.61 -15.83
CA PRO A 159 -2.05 6.67 -17.28
C PRO A 159 -0.58 6.49 -17.70
N LEU A 160 0.33 7.08 -16.91
CA LEU A 160 1.75 7.01 -17.18
C LEU A 160 2.38 5.68 -16.76
N ILE A 161 1.99 5.20 -15.58
CA ILE A 161 2.51 3.94 -15.04
C ILE A 161 2.14 2.78 -15.97
N ALA A 162 0.94 2.85 -16.53
CA ALA A 162 0.45 1.80 -17.41
C ALA A 162 0.99 1.92 -18.84
N ALA A 163 1.33 3.14 -19.25
CA ALA A 163 1.85 3.41 -20.59
C ALA A 163 2.78 2.34 -21.15
N ASP A 164 3.87 2.06 -20.44
CA ASP A 164 4.85 1.09 -20.91
C ASP A 164 4.73 -0.35 -20.41
N GLY A 165 3.70 -0.68 -19.64
CA GLY A 165 3.60 -2.06 -19.20
C GLY A 165 2.79 -2.41 -17.95
N GLY A 166 2.40 -1.41 -17.16
CA GLY A 166 1.64 -1.68 -15.96
C GLY A 166 0.19 -2.05 -16.25
N TYR A 167 -0.38 -2.91 -15.42
CA TYR A 167 -1.77 -3.32 -15.60
C TYR A 167 -2.36 -3.93 -14.33
N ALA A 168 -3.67 -4.17 -14.36
CA ALA A 168 -4.37 -4.73 -13.20
C ALA A 168 -5.52 -5.60 -13.66
N PHE A 169 -5.32 -6.91 -13.64
CA PHE A 169 -6.37 -7.84 -14.04
C PHE A 169 -6.83 -7.54 -15.47
N LYS A 170 -5.95 -7.75 -16.44
CA LYS A 170 -6.30 -7.49 -17.84
C LYS A 170 -7.53 -8.29 -18.24
N TYR A 171 -8.49 -7.62 -18.87
CA TYR A 171 -9.74 -8.24 -19.32
C TYR A 171 -9.50 -9.32 -20.37
N GLU A 172 -9.77 -10.58 -19.99
CA GLU A 172 -9.60 -11.72 -20.89
C GLU A 172 -10.89 -12.53 -20.97
N ASN A 173 -10.95 -13.42 -21.96
CA ASN A 173 -12.14 -14.26 -22.17
C ASN A 173 -11.71 -15.68 -22.56
N GLY A 174 -12.64 -16.62 -22.40
CA GLY A 174 -12.36 -18.02 -22.73
C GLY A 174 -13.15 -18.93 -21.82
N LYS A 175 -13.03 -20.24 -22.00
CA LYS A 175 -13.75 -21.20 -21.16
C LYS A 175 -13.34 -21.00 -19.71
N TYR A 176 -12.16 -20.42 -19.53
CA TYR A 176 -11.61 -20.17 -18.20
C TYR A 176 -11.34 -18.69 -17.92
N ASP A 177 -11.20 -18.38 -16.63
CA ASP A 177 -10.94 -17.03 -16.16
C ASP A 177 -9.48 -16.95 -15.74
N ILE A 178 -8.92 -15.73 -15.76
CA ILE A 178 -7.53 -15.54 -15.37
C ILE A 178 -7.37 -14.44 -14.33
N LYS A 179 -6.34 -14.57 -13.51
CA LYS A 179 -6.03 -13.60 -12.48
C LYS A 179 -4.54 -13.32 -12.56
N ASP A 180 -4.21 -12.07 -12.85
CA ASP A 180 -2.83 -11.62 -12.98
C ASP A 180 -2.76 -10.12 -12.73
N VAL A 181 -1.99 -9.69 -11.74
CA VAL A 181 -1.85 -8.26 -11.45
C VAL A 181 -0.46 -7.86 -11.95
N GLY A 182 -0.30 -6.63 -12.40
CA GLY A 182 1.01 -6.22 -12.88
C GLY A 182 1.45 -4.79 -12.56
N VAL A 183 1.80 -4.55 -11.31
CA VAL A 183 2.24 -3.20 -10.93
C VAL A 183 3.73 -3.14 -10.57
N ASP A 184 4.45 -4.26 -10.73
CA ASP A 184 5.87 -4.31 -10.40
C ASP A 184 6.76 -4.75 -11.55
N ASN A 185 6.25 -4.69 -12.77
CA ASN A 185 7.03 -5.06 -13.95
C ASN A 185 7.82 -3.86 -14.47
N ALA A 186 8.67 -4.10 -15.47
CA ALA A 186 9.49 -3.06 -16.05
C ALA A 186 8.70 -1.81 -16.41
N GLY A 187 7.65 -1.99 -17.21
CA GLY A 187 6.82 -0.88 -17.64
C GLY A 187 6.36 0.04 -16.52
N ALA A 188 5.72 -0.53 -15.51
CA ALA A 188 5.24 0.25 -14.37
C ALA A 188 6.38 1.04 -13.73
N LYS A 189 7.54 0.39 -13.57
CA LYS A 189 8.72 1.05 -12.98
C LYS A 189 9.18 2.19 -13.87
N ALA A 190 9.34 1.92 -15.15
CA ALA A 190 9.78 2.91 -16.10
C ALA A 190 8.87 4.14 -16.04
N GLY A 191 7.58 3.88 -15.83
CA GLY A 191 6.61 4.95 -15.78
C GLY A 191 6.66 5.79 -14.53
N LEU A 192 6.65 5.14 -13.37
CA LEU A 192 6.70 5.85 -12.09
C LEU A 192 8.05 6.54 -11.94
N THR A 193 9.10 5.90 -12.44
CA THR A 193 10.44 6.47 -12.37
C THR A 193 10.45 7.82 -13.05
N PHE A 194 9.87 7.86 -14.26
CA PHE A 194 9.81 9.08 -15.03
C PHE A 194 9.13 10.17 -14.22
N LEU A 195 8.05 9.80 -13.52
CA LEU A 195 7.31 10.76 -12.73
C LEU A 195 8.12 11.24 -11.51
N VAL A 196 8.88 10.32 -10.92
CA VAL A 196 9.69 10.67 -9.77
C VAL A 196 10.80 11.61 -10.21
N ASP A 197 11.34 11.39 -11.40
CA ASP A 197 12.39 12.26 -11.92
C ASP A 197 11.81 13.66 -12.10
N LEU A 198 10.61 13.75 -12.65
CA LEU A 198 9.99 15.04 -12.84
C LEU A 198 9.91 15.81 -11.53
N ILE A 199 9.84 15.10 -10.41
CA ILE A 199 9.77 15.77 -9.12
C ILE A 199 11.17 16.09 -8.64
N LYS A 200 12.12 15.22 -8.94
CA LYS A 200 13.50 15.42 -8.54
C LYS A 200 14.06 16.66 -9.21
N ASN A 201 13.78 16.81 -10.51
CA ASN A 201 14.25 17.96 -11.27
C ASN A 201 13.29 19.14 -11.11
N LYS A 202 12.54 19.10 -10.02
CA LYS A 202 11.59 20.15 -9.67
C LYS A 202 10.63 20.62 -10.77
N HIS A 203 10.32 19.74 -11.71
CA HIS A 203 9.38 20.08 -12.78
C HIS A 203 7.97 20.00 -12.19
N MET A 204 7.82 19.13 -11.21
CA MET A 204 6.55 18.95 -10.50
C MET A 204 6.86 18.85 -9.01
N ASN A 205 5.84 19.03 -8.18
CA ASN A 205 5.99 18.98 -6.74
C ASN A 205 5.19 17.83 -6.13
N ALA A 206 5.91 16.89 -5.51
CA ALA A 206 5.31 15.71 -4.89
C ALA A 206 3.98 15.86 -4.17
N ASP A 207 3.76 16.95 -3.44
CA ASP A 207 2.49 17.06 -2.75
C ASP A 207 1.44 17.99 -3.35
N THR A 208 1.46 18.08 -4.69
CA THR A 208 0.47 18.86 -5.42
C THR A 208 -0.77 17.97 -5.47
N ASP A 209 -1.91 18.49 -5.04
CA ASP A 209 -3.15 17.70 -5.07
C ASP A 209 -4.16 18.25 -6.09
N TYR A 210 -5.38 17.76 -6.03
CA TYR A 210 -6.40 18.19 -6.98
C TYR A 210 -6.60 19.71 -6.99
N SER A 211 -6.72 20.31 -5.82
CA SER A 211 -6.94 21.76 -5.72
C SER A 211 -5.80 22.66 -6.20
N ILE A 212 -4.59 22.36 -5.76
CA ILE A 212 -3.43 23.14 -6.18
C ILE A 212 -3.31 23.12 -7.70
N ALA A 213 -3.53 21.94 -8.30
CA ALA A 213 -3.43 21.82 -9.74
C ALA A 213 -4.53 22.65 -10.43
N GLU A 214 -5.76 22.48 -9.97
CA GLU A 214 -6.89 23.21 -10.55
C GLU A 214 -6.68 24.71 -10.44
N ALA A 215 -6.37 25.19 -9.24
CA ALA A 215 -6.13 26.62 -9.00
C ALA A 215 -5.02 27.14 -9.89
N ALA A 216 -3.89 26.46 -9.87
CA ALA A 216 -2.74 26.87 -10.67
C ALA A 216 -3.11 27.06 -12.14
N PHE A 217 -3.69 26.02 -12.74
CA PHE A 217 -4.07 26.08 -14.14
C PHE A 217 -5.14 27.12 -14.44
N ASN A 218 -6.17 27.16 -13.60
CA ASN A 218 -7.27 28.11 -13.79
C ASN A 218 -6.83 29.57 -13.57
N LYS A 219 -5.60 29.74 -13.11
CA LYS A 219 -5.05 31.08 -12.89
C LYS A 219 -3.95 31.29 -13.93
N GLY A 220 -3.90 30.40 -14.92
CA GLY A 220 -2.90 30.50 -15.97
C GLY A 220 -1.47 30.43 -15.48
N GLU A 221 -1.26 29.90 -14.27
CA GLU A 221 0.08 29.78 -13.71
C GLU A 221 0.86 28.60 -14.26
N THR A 222 0.15 27.63 -14.84
CA THR A 222 0.80 26.44 -15.41
C THR A 222 0.14 26.10 -16.77
N ALA A 223 0.98 25.81 -17.75
CA ALA A 223 0.51 25.51 -19.11
C ALA A 223 -0.42 24.32 -19.27
N MET A 224 -0.22 23.26 -18.50
CA MET A 224 -1.05 22.06 -18.62
C MET A 224 -1.56 21.48 -17.31
N THR A 225 -2.41 20.47 -17.44
CA THR A 225 -2.96 19.77 -16.29
C THR A 225 -3.64 18.54 -16.85
N ILE A 226 -3.91 17.58 -15.99
CA ILE A 226 -4.60 16.34 -16.36
C ILE A 226 -5.86 16.27 -15.50
N ASN A 227 -7.02 16.14 -16.13
CA ASN A 227 -8.25 16.07 -15.37
C ASN A 227 -9.40 15.46 -16.18
N GLY A 228 -10.55 15.34 -15.54
CA GLY A 228 -11.72 14.78 -16.18
C GLY A 228 -12.70 15.84 -16.67
N PRO A 229 -13.76 15.42 -17.39
CA PRO A 229 -14.76 16.36 -17.91
C PRO A 229 -15.34 17.31 -16.86
N TRP A 230 -15.54 16.80 -15.64
CA TRP A 230 -16.10 17.60 -14.56
C TRP A 230 -15.33 18.90 -14.30
N ALA A 231 -14.04 18.91 -14.61
CA ALA A 231 -13.21 20.08 -14.39
C ALA A 231 -13.42 21.23 -15.40
N TRP A 232 -14.00 20.92 -16.55
CA TRP A 232 -14.22 21.96 -17.57
C TRP A 232 -15.04 23.13 -17.06
N SER A 233 -16.07 22.82 -16.27
CA SER A 233 -16.94 23.85 -15.73
C SER A 233 -16.20 25.02 -15.06
N ASN A 234 -15.23 24.73 -14.19
CA ASN A 234 -14.48 25.78 -13.51
C ASN A 234 -13.46 26.48 -14.41
N ILE A 235 -12.97 25.76 -15.43
CA ILE A 235 -12.00 26.32 -16.36
C ILE A 235 -12.68 27.37 -17.24
N ASP A 236 -13.93 27.12 -17.58
CA ASP A 236 -14.72 28.04 -18.40
C ASP A 236 -14.87 29.37 -17.67
N THR A 237 -15.08 29.29 -16.36
CA THR A 237 -15.26 30.47 -15.53
C THR A 237 -13.98 31.30 -15.33
N SER A 238 -12.82 30.70 -15.57
CA SER A 238 -11.55 31.43 -15.40
C SER A 238 -11.08 32.15 -16.66
N LYS A 239 -11.95 32.29 -17.65
CA LYS A 239 -11.59 32.95 -18.90
C LYS A 239 -10.24 32.50 -19.45
N VAL A 240 -9.86 31.28 -19.13
CA VAL A 240 -8.60 30.72 -19.64
C VAL A 240 -8.92 30.06 -20.98
N ASN A 241 -8.15 30.38 -22.00
CA ASN A 241 -8.39 29.77 -23.29
C ASN A 241 -7.73 28.40 -23.23
N TYR A 242 -8.53 27.35 -23.04
CA TYR A 242 -7.99 26.00 -22.93
C TYR A 242 -8.42 25.04 -24.03
N GLY A 243 -7.70 23.92 -24.11
CA GLY A 243 -8.00 22.90 -25.09
C GLY A 243 -7.89 21.53 -24.45
N VAL A 244 -8.74 20.60 -24.88
CA VAL A 244 -8.73 19.25 -24.33
C VAL A 244 -8.19 18.30 -25.41
N THR A 245 -6.99 17.78 -25.19
CA THR A 245 -6.36 16.90 -26.17
C THR A 245 -5.85 15.55 -25.62
N VAL A 246 -5.31 14.74 -26.52
CA VAL A 246 -4.76 13.43 -26.20
C VAL A 246 -3.62 13.55 -25.19
N LEU A 247 -3.47 12.53 -24.34
CA LEU A 247 -2.42 12.52 -23.33
C LEU A 247 -1.07 12.19 -23.97
N PRO A 248 -0.01 12.85 -23.49
CA PRO A 248 1.38 12.69 -23.96
C PRO A 248 1.78 11.22 -23.95
N THR A 249 2.51 10.78 -24.97
CA THR A 249 2.93 9.39 -25.00
C THR A 249 4.21 9.23 -24.19
N PHE A 250 4.50 7.99 -23.80
CA PHE A 250 5.70 7.67 -23.01
C PHE A 250 6.35 6.49 -23.71
N LYS A 251 7.63 6.63 -24.04
CA LYS A 251 8.34 5.56 -24.73
C LYS A 251 7.61 5.13 -26.00
N GLY A 252 7.12 6.11 -26.76
CA GLY A 252 6.42 5.82 -27.99
C GLY A 252 5.07 5.16 -27.85
N GLN A 253 4.62 4.98 -26.61
CA GLN A 253 3.34 4.37 -26.33
C GLN A 253 2.37 5.38 -25.70
N PRO A 254 1.06 5.24 -25.99
CA PRO A 254 0.07 6.16 -25.43
C PRO A 254 -0.22 5.95 -23.95
N SER A 255 -0.65 7.01 -23.27
CA SER A 255 -0.99 6.90 -21.86
C SER A 255 -2.32 6.16 -21.82
N LYS A 256 -2.42 5.13 -20.99
CA LYS A 256 -3.65 4.35 -20.91
C LYS A 256 -4.41 4.65 -19.62
N PRO A 257 -5.22 5.71 -19.62
CA PRO A 257 -5.97 6.03 -18.40
C PRO A 257 -7.03 4.98 -18.05
N PHE A 258 -7.18 4.66 -16.77
CA PHE A 258 -8.20 3.70 -16.40
C PHE A 258 -9.51 4.42 -16.63
N VAL A 259 -10.32 3.86 -17.51
CA VAL A 259 -11.61 4.44 -17.86
C VAL A 259 -12.70 4.00 -16.90
N GLY A 260 -13.47 4.96 -16.42
CA GLY A 260 -14.55 4.65 -15.50
C GLY A 260 -15.90 5.11 -15.99
N VAL A 261 -16.94 4.41 -15.57
CA VAL A 261 -18.31 4.76 -15.93
C VAL A 261 -19.06 5.20 -14.68
N LEU A 262 -19.44 6.48 -14.62
CA LEU A 262 -20.19 6.98 -13.47
C LEU A 262 -21.48 6.16 -13.43
N SER A 263 -21.75 5.56 -12.27
CA SER A 263 -22.93 4.72 -12.12
C SER A 263 -23.73 5.01 -10.86
N ALA A 264 -25.02 4.68 -10.89
CA ALA A 264 -25.91 4.90 -9.77
C ALA A 264 -26.50 3.58 -9.29
N GLY A 265 -26.13 3.17 -8.09
CA GLY A 265 -26.64 1.94 -7.55
C GLY A 265 -27.68 2.20 -6.48
N ILE A 266 -28.58 1.24 -6.29
CA ILE A 266 -29.62 1.37 -5.29
C ILE A 266 -29.20 0.60 -4.03
N ASN A 267 -29.35 1.24 -2.86
CA ASN A 267 -28.99 0.60 -1.60
C ASN A 267 -29.86 -0.62 -1.33
N ALA A 268 -29.24 -1.76 -1.08
CA ALA A 268 -29.99 -3.00 -0.83
C ALA A 268 -30.90 -2.90 0.39
N ALA A 269 -30.61 -1.96 1.29
CA ALA A 269 -31.43 -1.78 2.48
C ALA A 269 -32.49 -0.73 2.23
N SER A 270 -32.44 -0.09 1.07
CA SER A 270 -33.40 0.94 0.75
C SER A 270 -34.82 0.40 0.67
N PRO A 271 -35.76 1.05 1.39
CA PRO A 271 -37.17 0.66 1.42
C PRO A 271 -37.89 1.31 0.25
N ASN A 272 -37.14 2.10 -0.53
CA ASN A 272 -37.70 2.80 -1.68
C ASN A 272 -37.04 2.40 -2.98
N LYS A 273 -36.80 1.11 -3.16
CA LYS A 273 -36.16 0.63 -4.38
C LYS A 273 -36.93 1.01 -5.64
N GLU A 274 -38.24 1.19 -5.51
CA GLU A 274 -39.09 1.55 -6.65
C GLU A 274 -38.98 3.03 -6.98
N LEU A 275 -39.21 3.89 -5.98
CA LEU A 275 -39.09 5.31 -6.20
C LEU A 275 -37.70 5.58 -6.80
N ALA A 276 -36.70 4.84 -6.32
CA ALA A 276 -35.34 4.98 -6.82
C ALA A 276 -35.28 4.66 -8.32
N LYS A 277 -35.96 3.58 -8.71
CA LYS A 277 -35.98 3.15 -10.10
C LYS A 277 -36.70 4.19 -10.96
N GLU A 278 -37.77 4.76 -10.43
CA GLU A 278 -38.55 5.74 -11.17
C GLU A 278 -37.73 7.01 -11.43
N PHE A 279 -37.04 7.47 -10.40
CA PHE A 279 -36.22 8.66 -10.51
C PHE A 279 -35.10 8.48 -11.57
N LEU A 280 -34.35 7.39 -11.45
CA LEU A 280 -33.24 7.11 -12.35
C LEU A 280 -33.64 6.81 -13.80
N GLU A 281 -34.75 6.12 -14.02
CA GLU A 281 -35.16 5.79 -15.38
C GLU A 281 -35.99 6.83 -16.10
N ASN A 282 -36.94 7.44 -15.39
CA ASN A 282 -37.80 8.46 -15.99
C ASN A 282 -37.35 9.90 -15.76
N TYR A 283 -36.44 10.13 -14.81
CA TYR A 283 -35.99 11.49 -14.56
C TYR A 283 -34.52 11.79 -14.86
N LEU A 284 -33.60 11.07 -14.25
CA LEU A 284 -32.19 11.32 -14.50
C LEU A 284 -31.75 10.84 -15.88
N LEU A 285 -32.04 9.59 -16.21
CA LEU A 285 -31.63 9.05 -17.51
C LEU A 285 -32.56 9.41 -18.67
N THR A 286 -32.69 10.71 -18.88
CA THR A 286 -33.50 11.28 -19.94
C THR A 286 -32.69 12.48 -20.46
N ASP A 287 -33.04 13.02 -21.62
CA ASP A 287 -32.28 14.15 -22.16
C ASP A 287 -32.32 15.36 -21.23
N GLU A 288 -33.49 15.65 -20.65
CA GLU A 288 -33.63 16.81 -19.76
C GLU A 288 -32.96 16.55 -18.41
N GLY A 289 -32.93 15.29 -18.00
CA GLY A 289 -32.32 14.95 -16.73
C GLY A 289 -30.80 15.11 -16.76
N LEU A 290 -30.17 14.46 -17.74
CA LEU A 290 -28.72 14.54 -17.88
C LEU A 290 -28.27 15.96 -18.17
N GLU A 291 -29.09 16.71 -18.91
CA GLU A 291 -28.75 18.09 -19.26
C GLU A 291 -28.65 18.95 -18.03
N ALA A 292 -29.59 18.76 -17.10
CA ALA A 292 -29.58 19.53 -15.87
C ALA A 292 -28.25 19.25 -15.16
N VAL A 293 -27.90 17.98 -15.07
CA VAL A 293 -26.66 17.58 -14.42
C VAL A 293 -25.43 18.07 -15.20
N ASN A 294 -25.36 17.73 -16.49
CA ASN A 294 -24.23 18.12 -17.35
C ASN A 294 -23.98 19.64 -17.36
N LYS A 295 -25.03 20.44 -17.18
CA LYS A 295 -24.89 21.90 -17.18
C LYS A 295 -24.17 22.38 -15.94
N ASP A 296 -24.20 21.57 -14.89
CA ASP A 296 -23.54 21.92 -13.65
C ASP A 296 -22.05 21.60 -13.86
N LYS A 297 -21.76 20.32 -14.10
CA LYS A 297 -20.39 19.86 -14.36
C LYS A 297 -20.52 18.80 -15.44
N PRO A 298 -19.80 18.95 -16.56
CA PRO A 298 -19.90 17.97 -17.63
C PRO A 298 -19.72 16.52 -17.13
N LEU A 299 -20.57 15.63 -17.63
CA LEU A 299 -20.52 14.23 -17.25
C LEU A 299 -19.53 13.45 -18.10
N GLY A 300 -19.32 13.92 -19.33
CA GLY A 300 -18.43 13.23 -20.25
C GLY A 300 -19.31 12.60 -21.33
N ALA A 301 -19.03 11.38 -21.73
CA ALA A 301 -19.84 10.71 -22.75
C ALA A 301 -21.01 10.00 -22.07
N VAL A 302 -22.18 10.63 -22.03
CA VAL A 302 -23.32 10.00 -21.37
C VAL A 302 -23.65 8.65 -21.96
N ALA A 303 -24.19 7.78 -21.12
CA ALA A 303 -24.57 6.44 -21.53
C ALA A 303 -25.89 6.45 -22.30
N LEU A 304 -26.61 7.57 -22.21
CA LEU A 304 -27.90 7.71 -22.89
C LEU A 304 -27.66 8.08 -24.35
N LYS A 305 -27.95 7.14 -25.25
CA LYS A 305 -27.76 7.33 -26.70
C LYS A 305 -28.30 8.63 -27.26
N SER A 306 -29.56 8.93 -26.97
CA SER A 306 -30.21 10.14 -27.47
C SER A 306 -29.49 11.43 -27.12
N TYR A 307 -28.90 11.49 -25.94
CA TYR A 307 -28.21 12.70 -25.53
C TYR A 307 -26.72 12.68 -25.88
N GLU A 308 -26.18 11.50 -26.13
CA GLU A 308 -24.77 11.39 -26.47
C GLU A 308 -24.52 11.91 -27.88
N GLU A 309 -25.44 11.58 -28.79
CA GLU A 309 -25.31 12.03 -30.18
C GLU A 309 -25.09 13.53 -30.24
N GLU A 310 -25.64 14.25 -29.26
CA GLU A 310 -25.48 15.70 -29.19
C GLU A 310 -24.09 16.05 -28.66
N LEU A 311 -23.85 15.68 -27.40
CA LEU A 311 -22.59 15.96 -26.73
C LEU A 311 -21.36 15.44 -27.48
N ALA A 312 -21.55 14.38 -28.25
CA ALA A 312 -20.45 13.77 -29.00
C ALA A 312 -19.79 14.74 -29.99
N LYS A 313 -20.52 15.76 -30.40
CA LYS A 313 -19.98 16.72 -31.34
C LYS A 313 -18.99 17.70 -30.71
N ASP A 314 -18.91 17.67 -29.38
CA ASP A 314 -18.00 18.52 -28.62
C ASP A 314 -16.57 18.01 -28.75
N PRO A 315 -15.66 18.86 -29.27
CA PRO A 315 -14.27 18.45 -29.45
C PRO A 315 -13.72 17.81 -28.17
N ARG A 316 -13.99 18.48 -27.04
CA ARG A 316 -13.56 18.02 -25.73
C ARG A 316 -14.00 16.57 -25.45
N ILE A 317 -15.24 16.25 -25.82
CA ILE A 317 -15.74 14.90 -25.63
C ILE A 317 -14.98 13.96 -26.57
N ALA A 318 -14.65 14.45 -27.76
CA ALA A 318 -13.89 13.64 -28.71
C ALA A 318 -12.52 13.33 -28.11
N ALA A 319 -11.93 14.33 -27.45
CA ALA A 319 -10.63 14.14 -26.81
C ALA A 319 -10.78 13.10 -25.70
N THR A 320 -11.89 13.18 -24.98
CA THR A 320 -12.20 12.25 -23.90
C THR A 320 -12.21 10.82 -24.44
N MET A 321 -13.04 10.60 -25.46
CA MET A 321 -13.14 9.28 -26.06
C MET A 321 -11.82 8.83 -26.65
N GLU A 322 -11.04 9.76 -27.19
CA GLU A 322 -9.77 9.39 -27.77
C GLU A 322 -8.87 8.79 -26.68
N ASN A 323 -8.75 9.51 -25.57
CA ASN A 323 -7.93 9.03 -24.46
C ASN A 323 -8.57 7.76 -23.89
N ALA A 324 -9.89 7.82 -23.68
CA ALA A 324 -10.60 6.68 -23.16
C ALA A 324 -10.23 5.42 -23.93
N GLN A 325 -10.31 5.51 -25.27
CA GLN A 325 -10.02 4.36 -26.11
C GLN A 325 -8.56 3.93 -26.09
N LYS A 326 -7.65 4.87 -25.86
CA LYS A 326 -6.24 4.52 -25.80
C LYS A 326 -6.00 3.63 -24.58
N GLY A 327 -6.86 3.78 -23.57
CA GLY A 327 -6.75 3.01 -22.34
C GLY A 327 -7.73 1.88 -22.19
N GLU A 328 -8.13 1.56 -20.95
CA GLU A 328 -9.07 0.47 -20.71
C GLU A 328 -10.16 0.76 -19.69
N ILE A 329 -11.25 0.02 -19.77
CA ILE A 329 -12.34 0.20 -18.82
C ILE A 329 -11.98 -0.56 -17.55
N MET A 330 -12.00 0.15 -16.42
CA MET A 330 -11.66 -0.46 -15.14
C MET A 330 -12.49 -1.69 -14.85
N PRO A 331 -11.87 -2.70 -14.23
CA PRO A 331 -12.64 -3.91 -13.93
C PRO A 331 -13.54 -3.49 -12.75
N ASN A 332 -14.44 -4.36 -12.33
CA ASN A 332 -15.31 -4.02 -11.21
C ASN A 332 -15.24 -5.15 -10.17
N ILE A 333 -14.23 -6.00 -10.30
CA ILE A 333 -14.02 -7.11 -9.38
C ILE A 333 -13.55 -6.57 -8.02
N PRO A 334 -13.88 -7.27 -6.92
CA PRO A 334 -13.51 -6.86 -5.56
C PRO A 334 -12.05 -6.51 -5.38
N GLN A 335 -11.17 -7.24 -6.05
CA GLN A 335 -9.73 -6.99 -5.95
C GLN A 335 -9.37 -5.52 -6.21
N MET A 336 -10.17 -4.84 -7.02
CA MET A 336 -9.91 -3.44 -7.37
C MET A 336 -9.63 -2.49 -6.22
N SER A 337 -10.31 -2.69 -5.10
CA SER A 337 -10.12 -1.84 -3.94
C SER A 337 -8.66 -1.94 -3.44
N ALA A 338 -8.20 -3.17 -3.28
CA ALA A 338 -6.83 -3.41 -2.81
C ALA A 338 -5.83 -2.82 -3.82
N PHE A 339 -6.15 -2.95 -5.10
CA PHE A 339 -5.30 -2.45 -6.17
C PHE A 339 -5.07 -0.95 -6.06
N TRP A 340 -6.14 -0.19 -5.90
CA TRP A 340 -6.03 1.26 -5.79
C TRP A 340 -5.23 1.71 -4.59
N TYR A 341 -5.45 1.06 -3.45
CA TYR A 341 -4.74 1.42 -2.23
C TYR A 341 -3.25 1.16 -2.43
N ALA A 342 -2.92 -0.01 -2.96
CA ALA A 342 -1.53 -0.35 -3.19
C ALA A 342 -0.85 0.68 -4.07
N VAL A 343 -1.49 1.03 -5.17
CA VAL A 343 -0.93 1.98 -6.12
C VAL A 343 -0.88 3.41 -5.57
N ARG A 344 -1.89 3.76 -4.76
N ARG A 344 -1.88 3.79 -4.78
CA ARG A 344 -2.00 5.09 -4.16
CA ARG A 344 -1.88 5.14 -4.21
C ARG A 344 -0.82 5.32 -3.22
C ARG A 344 -0.70 5.29 -3.29
N THR A 345 -0.51 4.30 -2.43
CA THR A 345 0.57 4.37 -1.46
C THR A 345 1.95 4.34 -2.12
N ALA A 346 2.08 3.59 -3.20
CA ALA A 346 3.36 3.48 -3.88
C ALA A 346 3.77 4.81 -4.50
N VAL A 347 2.83 5.44 -5.21
CA VAL A 347 3.11 6.71 -5.87
C VAL A 347 3.50 7.77 -4.83
N ILE A 348 2.65 7.95 -3.83
CA ILE A 348 2.92 8.89 -2.77
C ILE A 348 4.30 8.69 -2.15
N ASN A 349 4.62 7.45 -1.75
CA ASN A 349 5.92 7.15 -1.15
C ASN A 349 7.11 7.31 -2.10
N ALA A 350 6.91 6.95 -3.38
CA ALA A 350 7.98 7.09 -4.38
C ALA A 350 8.22 8.58 -4.64
N ALA A 351 7.12 9.32 -4.73
CA ALA A 351 7.17 10.74 -4.99
C ALA A 351 7.82 11.54 -3.86
N SER A 352 7.69 11.10 -2.62
CA SER A 352 8.30 11.84 -1.52
C SER A 352 9.70 11.32 -1.23
N GLY A 353 10.11 10.28 -1.94
CA GLY A 353 11.45 9.72 -1.73
C GLY A 353 11.52 8.75 -0.55
N ARG A 354 10.40 8.53 0.13
CA ARG A 354 10.34 7.62 1.27
C ARG A 354 10.71 6.23 0.79
N GLN A 355 10.44 5.95 -0.48
CA GLN A 355 10.75 4.65 -1.04
C GLN A 355 11.30 4.81 -2.45
N THR A 356 12.21 3.93 -2.84
CA THR A 356 12.73 3.99 -4.19
C THR A 356 11.59 3.42 -5.02
N VAL A 357 11.63 3.59 -6.34
CA VAL A 357 10.56 3.08 -7.17
C VAL A 357 10.46 1.57 -7.03
N ASP A 358 11.60 0.89 -7.02
CA ASP A 358 11.60 -0.57 -6.88
C ASP A 358 10.86 -0.99 -5.59
N ALA A 359 11.29 -0.42 -4.46
CA ALA A 359 10.68 -0.72 -3.18
C ALA A 359 9.19 -0.35 -3.11
N ALA A 360 8.84 0.78 -3.70
CA ALA A 360 7.46 1.25 -3.70
C ALA A 360 6.54 0.31 -4.48
N LEU A 361 6.95 -0.10 -5.67
CA LEU A 361 6.11 -0.99 -6.45
C LEU A 361 6.15 -2.45 -5.96
N ALA A 362 7.30 -2.90 -5.47
CA ALA A 362 7.41 -4.26 -4.96
C ALA A 362 6.41 -4.38 -3.82
N ALA A 363 6.30 -3.33 -3.02
CA ALA A 363 5.39 -3.31 -1.90
C ALA A 363 3.93 -3.26 -2.37
N ALA A 364 3.65 -2.46 -3.39
CA ALA A 364 2.29 -2.36 -3.88
C ALA A 364 1.81 -3.70 -4.45
N GLN A 365 2.73 -4.46 -5.04
CA GLN A 365 2.36 -5.75 -5.61
C GLN A 365 1.92 -6.64 -4.44
N THR A 366 2.64 -6.52 -3.33
CA THR A 366 2.34 -7.30 -2.12
C THR A 366 1.03 -6.83 -1.51
N ASN A 367 0.88 -5.52 -1.37
CA ASN A 367 -0.31 -4.95 -0.78
C ASN A 367 -1.57 -5.15 -1.64
N ALA A 368 -1.38 -5.41 -2.92
CA ALA A 368 -2.53 -5.59 -3.80
C ALA A 368 -3.11 -7.00 -3.67
N ALA A 369 -2.38 -7.88 -2.99
CA ALA A 369 -2.83 -9.27 -2.85
C ALA A 369 -4.06 -9.48 -1.97
N ALA A 370 -4.39 -8.48 -1.16
CA ALA A 370 -5.55 -8.56 -0.27
C ALA A 370 -5.89 -7.19 0.31
N ASP A 371 -7.13 -7.01 0.74
CA ASP A 371 -7.51 -5.74 1.33
C ASP A 371 -6.71 -5.69 2.63
N GLU A 372 -6.09 -4.54 2.91
CA GLU A 372 -5.29 -4.38 4.12
C GLU A 372 -6.14 -4.60 5.37
N GLU A 373 -5.59 -5.35 6.33
CA GLU A 373 -6.30 -5.61 7.58
C GLU A 373 -5.48 -5.03 8.73
N ASP A 374 -6.11 -4.81 9.88
CA ASP A 374 -5.38 -4.28 11.03
C ASP A 374 -5.04 -5.42 11.97
N ASP A 375 -5.56 -6.61 11.65
CA ASP A 375 -5.39 -7.81 12.46
C ASP A 375 -3.98 -8.40 12.61
N VAL A 376 -2.98 -7.81 11.95
CA VAL A 376 -1.63 -8.35 12.02
C VAL A 376 -0.77 -7.96 13.23
N VAL A 377 -0.04 -8.93 13.76
CA VAL A 377 0.85 -8.69 14.89
C VAL A 377 2.20 -9.35 14.68
N ILE A 378 3.25 -8.56 14.87
CA ILE A 378 4.62 -9.04 14.74
C ILE A 378 5.24 -9.17 16.13
N ILE A 379 5.93 -10.28 16.38
CA ILE A 379 6.63 -10.46 17.64
C ILE A 379 8.09 -10.59 17.28
N TYR A 380 8.92 -9.71 17.84
CA TYR A 380 10.34 -9.71 17.57
C TYR A 380 11.06 -9.96 18.88
N ASN A 381 11.28 -11.23 19.22
CA ASN A 381 11.95 -11.56 20.46
C ASN A 381 13.47 -11.43 20.26
N ARG A 382 13.89 -10.17 20.34
CA ARG A 382 15.27 -9.75 20.15
C ARG A 382 16.30 -10.42 21.05
N VAL A 383 17.44 -10.73 20.46
CA VAL A 383 18.56 -11.35 21.14
C VAL A 383 19.53 -10.21 21.44
N PRO A 384 20.04 -10.14 22.68
CA PRO A 384 20.98 -9.10 23.10
C PRO A 384 22.23 -8.95 22.23
N LYS A 385 22.60 -7.71 21.95
CA LYS A 385 23.78 -7.37 21.18
C LYS A 385 23.79 -7.94 19.77
N THR A 386 22.72 -7.70 19.02
CA THR A 386 22.61 -8.19 17.64
C THR A 386 22.09 -7.09 16.71
N ALA A 387 22.19 -5.84 17.18
CA ALA A 387 21.75 -4.66 16.44
C ALA A 387 20.24 -4.49 16.57
N SER A 388 19.67 -5.12 17.59
CA SER A 388 18.25 -5.07 17.83
C SER A 388 17.75 -3.69 18.14
N THR A 389 18.64 -2.85 18.67
CA THR A 389 18.27 -1.50 19.02
C THR A 389 18.05 -0.73 17.73
N SER A 390 18.99 -0.85 16.80
CA SER A 390 18.90 -0.18 15.52
C SER A 390 17.58 -0.54 14.84
N PHE A 391 17.30 -1.83 14.77
CA PHE A 391 16.09 -2.34 14.15
C PHE A 391 14.81 -1.90 14.85
N THR A 392 14.65 -2.29 16.12
CA THR A 392 13.45 -1.93 16.87
C THR A 392 13.17 -0.44 16.76
N ASN A 393 14.23 0.32 16.55
CA ASN A 393 14.10 1.76 16.44
C ASN A 393 13.47 2.18 15.10
N ILE A 394 13.74 1.40 14.06
CA ILE A 394 13.18 1.69 12.76
C ILE A 394 11.67 1.55 12.86
N ALA A 395 11.23 0.60 13.69
CA ALA A 395 9.80 0.38 13.89
C ALA A 395 9.21 1.59 14.60
N TYR A 396 9.89 2.04 15.66
CA TYR A 396 9.42 3.18 16.41
C TYR A 396 9.28 4.43 15.54
N ASP A 397 10.25 4.67 14.67
CA ASP A 397 10.22 5.84 13.78
C ASP A 397 9.17 5.74 12.68
N LEU A 398 8.87 4.53 12.23
CA LEU A 398 7.89 4.36 11.15
C LEU A 398 6.46 4.12 11.63
N CYS A 399 6.30 3.68 12.87
CA CYS A 399 4.97 3.35 13.37
C CYS A 399 3.86 4.40 13.32
N ALA A 400 4.20 5.66 13.57
CA ALA A 400 3.19 6.71 13.54
C ALA A 400 2.59 6.87 12.16
N LYS A 401 3.44 7.06 11.16
CA LYS A 401 2.94 7.24 9.81
C LYS A 401 2.33 5.96 9.22
N ASN A 402 3.01 4.83 9.41
CA ASN A 402 2.54 3.56 8.88
C ASN A 402 1.32 2.99 9.62
N ARG A 403 0.89 3.69 10.66
CA ARG A 403 -0.28 3.31 11.42
C ARG A 403 -0.29 1.95 12.12
N TYR A 404 0.63 1.79 13.07
CA TYR A 404 0.72 0.59 13.87
C TYR A 404 1.39 0.93 15.18
N HIS A 405 1.29 0.02 16.14
CA HIS A 405 1.85 0.23 17.45
C HIS A 405 3.10 -0.58 17.73
N VAL A 406 3.96 -0.03 18.59
CA VAL A 406 5.17 -0.70 19.01
C VAL A 406 5.10 -0.81 20.53
N LEU A 407 5.44 -1.97 21.08
CA LEU A 407 5.40 -2.13 22.53
C LEU A 407 6.59 -2.94 23.01
N HIS A 408 7.20 -2.50 24.10
CA HIS A 408 8.32 -3.25 24.63
C HIS A 408 7.88 -4.18 25.75
N ILE A 409 8.33 -5.43 25.69
CA ILE A 409 7.99 -6.41 26.71
C ILE A 409 9.10 -6.44 27.75
N ASN A 410 8.76 -6.11 28.99
CA ASN A 410 9.75 -6.10 30.05
C ASN A 410 9.51 -7.22 31.03
N THR A 411 10.50 -8.09 31.17
CA THR A 411 10.36 -9.20 32.11
C THR A 411 11.31 -9.05 33.30
N THR A 412 10.76 -9.30 34.48
CA THR A 412 11.51 -9.22 35.74
C THR A 412 12.91 -9.83 35.61
N LYS A 413 13.91 -8.99 35.83
CA LYS A 413 15.32 -9.40 35.75
C LYS A 413 15.69 -9.91 34.36
N ASN A 414 14.89 -9.55 33.38
CA ASN A 414 15.13 -9.95 32.00
C ASN A 414 15.26 -11.46 31.84
N ASN A 415 14.28 -12.17 32.38
CA ASN A 415 14.26 -13.62 32.28
C ASN A 415 13.60 -13.95 30.95
N PRO A 416 14.28 -14.74 30.10
CA PRO A 416 13.77 -15.13 28.79
C PRO A 416 12.60 -16.11 28.85
N VAL A 417 12.44 -16.75 30.01
CA VAL A 417 11.38 -17.73 30.19
C VAL A 417 10.27 -17.21 31.05
N MET A 418 9.07 -17.17 30.47
CA MET A 418 7.91 -16.71 31.22
C MET A 418 7.31 -17.93 31.89
N SER A 419 6.56 -17.69 32.96
CA SER A 419 5.91 -18.77 33.67
C SER A 419 4.80 -19.26 32.73
N LEU A 420 4.21 -20.41 33.04
CA LEU A 420 3.13 -20.94 32.23
C LEU A 420 1.96 -19.97 32.30
N GLN A 421 1.67 -19.47 33.49
CA GLN A 421 0.55 -18.54 33.64
C GLN A 421 0.84 -17.24 32.93
N ASP A 422 2.09 -16.77 32.93
CA ASP A 422 2.40 -15.53 32.23
C ASP A 422 2.30 -15.71 30.72
N GLN A 423 2.67 -16.90 30.23
CA GLN A 423 2.58 -17.20 28.80
C GLN A 423 1.11 -17.02 28.43
N VAL A 424 0.23 -17.61 29.22
CA VAL A 424 -1.20 -17.48 28.98
C VAL A 424 -1.60 -15.99 29.00
N ARG A 425 -1.08 -15.25 29.97
CA ARG A 425 -1.37 -13.83 30.11
C ARG A 425 -0.91 -13.09 28.85
N PHE A 426 0.34 -13.31 28.46
CA PHE A 426 0.94 -12.67 27.30
C PHE A 426 0.11 -12.96 26.05
N VAL A 427 -0.10 -14.23 25.74
CA VAL A 427 -0.87 -14.64 24.56
C VAL A 427 -2.26 -14.00 24.56
N LYS A 428 -2.92 -13.99 25.71
CA LYS A 428 -4.25 -13.39 25.77
C LYS A 428 -4.18 -11.91 25.44
N ASN A 429 -3.15 -11.21 25.93
CA ASN A 429 -3.00 -9.79 25.66
C ASN A 429 -2.83 -9.53 24.17
N VAL A 430 -1.81 -10.16 23.59
CA VAL A 430 -1.49 -10.02 22.18
C VAL A 430 -2.61 -10.36 21.20
N THR A 431 -3.36 -11.43 21.49
CA THR A 431 -4.43 -11.82 20.58
C THR A 431 -5.72 -11.02 20.75
N SER A 432 -6.01 -10.52 21.95
CA SER A 432 -7.25 -9.76 22.15
C SER A 432 -7.15 -8.24 22.20
N TRP A 433 -5.98 -7.71 22.54
CA TRP A 433 -5.81 -6.26 22.61
C TRP A 433 -5.90 -5.61 21.22
N LYS A 434 -7.14 -5.55 20.75
CA LYS A 434 -7.53 -5.01 19.46
C LYS A 434 -6.94 -3.62 19.18
N GLU A 435 -7.01 -2.73 20.16
CA GLU A 435 -6.48 -1.39 19.94
C GLU A 435 -4.98 -1.34 19.67
N MET A 436 -4.26 -2.43 19.92
CA MET A 436 -2.83 -2.42 19.66
C MET A 436 -2.49 -3.05 18.31
N LYS A 437 -3.49 -3.25 17.47
CA LYS A 437 -3.26 -3.87 16.16
C LYS A 437 -3.50 -2.94 14.97
N PRO A 438 -2.62 -3.02 13.95
CA PRO A 438 -1.47 -3.92 13.95
C PRO A 438 -0.42 -3.54 15.01
N GLY A 439 0.32 -4.53 15.49
CA GLY A 439 1.32 -4.28 16.51
C GLY A 439 2.66 -4.98 16.32
N PHE A 440 3.67 -4.37 16.95
CA PHE A 440 5.04 -4.83 16.92
C PHE A 440 5.47 -4.96 18.41
N TYR A 441 5.57 -6.20 18.87
CA TYR A 441 5.98 -6.49 20.24
C TYR A 441 7.41 -6.98 20.21
N HIS A 442 8.26 -6.39 21.03
CA HIS A 442 9.67 -6.78 21.08
C HIS A 442 10.16 -6.92 22.51
N GLY A 443 11.10 -7.83 22.72
CA GLY A 443 11.62 -8.03 24.05
C GLY A 443 12.51 -9.24 24.18
N HIS A 444 13.18 -9.29 25.33
N HIS A 444 13.28 -9.32 25.26
CA HIS A 444 14.07 -10.37 25.69
CA HIS A 444 14.20 -10.46 25.42
C HIS A 444 13.21 -11.51 26.15
C HIS A 444 13.49 -11.64 26.04
N VAL A 445 12.69 -12.28 25.20
CA VAL A 445 11.87 -13.45 25.52
C VAL A 445 12.16 -14.58 24.51
N SER A 446 12.35 -15.80 24.99
CA SER A 446 12.61 -16.86 24.02
C SER A 446 11.29 -17.19 23.31
N TYR A 447 11.41 -17.84 22.17
CA TYR A 447 10.25 -18.19 21.37
C TYR A 447 9.13 -18.80 22.22
N LEU A 448 7.91 -18.38 21.94
CA LEU A 448 6.73 -18.88 22.63
C LEU A 448 5.73 -19.27 21.56
N ASP A 449 5.39 -20.55 21.53
CA ASP A 449 4.46 -21.12 20.57
C ASP A 449 3.00 -20.78 20.85
N PHE A 450 2.41 -19.90 20.06
CA PHE A 450 1.02 -19.51 20.23
C PHE A 450 -0.01 -20.62 19.93
N ALA A 451 0.41 -21.60 19.13
CA ALA A 451 -0.45 -22.73 18.75
C ALA A 451 -1.06 -23.45 19.93
N LYS A 452 -0.23 -23.81 20.91
CA LYS A 452 -0.67 -24.53 22.11
C LYS A 452 -1.83 -23.84 22.85
N PHE A 453 -2.02 -22.56 22.60
CA PHE A 453 -3.03 -21.80 23.30
C PHE A 453 -4.40 -21.61 22.66
N GLY A 454 -4.62 -22.32 21.55
CA GLY A 454 -5.89 -22.24 20.87
C GLY A 454 -6.26 -20.88 20.34
N VAL A 455 -5.30 -20.18 19.75
CA VAL A 455 -5.57 -18.87 19.20
C VAL A 455 -6.11 -18.96 17.76
N LYS A 456 -6.83 -17.92 17.34
CA LYS A 456 -7.40 -17.87 16.00
C LYS A 456 -6.25 -17.62 15.05
N LYS A 457 -5.70 -16.41 15.19
CA LYS A 457 -4.61 -15.95 14.36
C LYS A 457 -3.29 -15.83 15.09
N LYS A 458 -2.29 -16.58 14.67
CA LYS A 458 -0.97 -16.51 15.27
C LYS A 458 -0.27 -15.22 14.90
N PRO A 459 0.72 -14.83 15.70
CA PRO A 459 1.43 -13.61 15.35
C PRO A 459 2.57 -14.00 14.41
N ILE A 460 3.21 -13.01 13.81
CA ILE A 460 4.32 -13.23 12.92
C ILE A 460 5.63 -13.01 13.67
N TYR A 461 6.55 -13.96 13.54
CA TYR A 461 7.84 -13.91 14.21
C TYR A 461 9.01 -13.58 13.30
N ILE A 462 9.87 -12.67 13.75
CA ILE A 462 11.06 -12.29 13.00
C ILE A 462 12.15 -12.17 14.04
N ASN A 463 13.41 -12.27 13.61
CA ASN A 463 14.49 -12.11 14.56
C ASN A 463 15.77 -11.78 13.83
N VAL A 464 16.81 -11.53 14.60
CA VAL A 464 18.12 -11.21 14.05
C VAL A 464 19.16 -11.80 14.99
N ILE A 465 20.07 -12.61 14.44
CA ILE A 465 21.11 -13.22 15.24
C ILE A 465 22.46 -12.93 14.59
N ARG A 466 23.54 -13.13 15.34
CA ARG A 466 24.87 -12.90 14.78
C ARG A 466 25.79 -14.01 15.21
N ASP A 467 27.00 -14.06 14.65
CA ASP A 467 27.96 -15.10 15.02
C ASP A 467 28.04 -15.27 16.54
N PRO A 468 28.00 -16.51 17.02
CA PRO A 468 28.06 -16.86 18.44
C PRO A 468 29.16 -16.17 19.24
N ILE A 469 30.39 -16.27 18.74
CA ILE A 469 31.54 -15.67 19.38
C ILE A 469 31.47 -14.14 19.40
N GLU A 470 31.38 -13.52 18.23
CA GLU A 470 31.29 -12.06 18.16
C GLU A 470 30.20 -11.44 19.01
N ARG A 471 29.08 -12.15 19.18
CA ARG A 471 28.00 -11.59 20.00
C ARG A 471 28.44 -11.63 21.46
N LEU A 472 29.15 -12.69 21.84
CA LEU A 472 29.65 -12.85 23.20
C LEU A 472 30.70 -11.78 23.49
N VAL A 473 31.64 -11.62 22.57
CA VAL A 473 32.67 -10.62 22.70
C VAL A 473 31.99 -9.27 22.86
N SER A 474 30.93 -9.04 22.08
CA SER A 474 30.17 -7.79 22.14
C SER A 474 29.55 -7.59 23.53
N TYR A 475 28.96 -8.65 24.08
CA TYR A 475 28.34 -8.59 25.38
C TYR A 475 29.41 -8.43 26.46
N TYR A 476 30.61 -8.94 26.18
CA TYR A 476 31.72 -8.83 27.13
C TYR A 476 32.14 -7.40 27.37
N TYR A 477 32.60 -6.73 26.31
CA TYR A 477 33.03 -5.35 26.43
C TYR A 477 31.87 -4.42 26.70
N PHE A 478 30.64 -4.85 26.40
CA PHE A 478 29.49 -3.99 26.65
C PHE A 478 29.39 -3.74 28.15
N LEU A 479 29.37 -4.82 28.92
CA LEU A 479 29.28 -4.75 30.37
C LEU A 479 30.36 -3.90 31.03
N ARG A 480 31.49 -3.74 30.34
CA ARG A 480 32.62 -3.00 30.89
C ARG A 480 32.84 -1.57 30.38
N PHE A 481 32.37 -1.26 29.18
CA PHE A 481 32.55 0.08 28.64
C PHE A 481 31.24 0.78 28.23
N GLY A 482 30.11 0.11 28.42
CA GLY A 482 28.83 0.69 28.06
C GLY A 482 28.62 0.88 26.56
N ASP A 483 27.55 1.59 26.20
CA ASP A 483 27.21 1.85 24.81
C ASP A 483 27.14 3.34 24.55
N ASP A 484 26.87 3.73 23.31
CA ASP A 484 26.76 5.15 23.00
C ASP A 484 25.31 5.61 22.91
N TYR A 485 24.37 4.70 23.22
CA TYR A 485 22.95 5.03 23.19
C TYR A 485 22.63 5.87 24.43
N ARG A 486 22.90 5.30 25.59
CA ARG A 486 22.72 5.97 26.88
C ARG A 486 24.11 5.85 27.53
N PRO A 487 25.06 6.71 27.10
CA PRO A 487 26.45 6.75 27.59
C PRO A 487 26.57 7.10 29.06
N GLY A 488 25.62 7.90 29.55
CA GLY A 488 25.63 8.30 30.93
C GLY A 488 25.69 7.14 31.89
N LEU A 489 24.72 6.23 31.78
CA LEU A 489 24.64 5.07 32.66
C LEU A 489 25.86 4.14 32.57
N ARG A 490 26.61 4.06 33.66
CA ARG A 490 27.81 3.20 33.68
C ARG A 490 27.28 1.78 33.88
N ARG A 491 27.73 0.82 33.06
CA ARG A 491 27.25 -0.57 33.18
C ARG A 491 27.92 -1.32 34.34
N ARG A 492 27.19 -2.29 34.89
CA ARG A 492 27.62 -3.13 36.03
C ARG A 492 29.13 -3.42 36.26
N LYS A 493 29.91 -3.55 35.20
CA LYS A 493 31.35 -3.83 35.37
C LYS A 493 32.25 -2.79 34.72
N GLN A 494 31.80 -1.53 34.69
CA GLN A 494 32.56 -0.42 34.08
C GLN A 494 33.98 -0.35 34.69
N GLY A 495 34.97 -0.25 33.81
CA GLY A 495 36.35 -0.16 34.27
C GLY A 495 37.02 -1.45 34.73
N ASP A 496 36.96 -2.47 33.88
CA ASP A 496 37.61 -3.74 34.12
C ASP A 496 38.53 -3.66 32.92
N LYS A 497 39.83 -3.84 33.14
CA LYS A 497 40.74 -3.75 32.01
C LYS A 497 40.98 -5.14 31.41
N LYS A 498 40.54 -6.20 32.12
CA LYS A 498 40.70 -7.57 31.63
C LYS A 498 40.12 -7.62 30.22
N THR A 499 40.93 -7.94 29.22
CA THR A 499 40.42 -8.01 27.86
C THR A 499 39.64 -9.29 27.70
N PHE A 500 39.06 -9.50 26.51
CA PHE A 500 38.34 -10.73 26.27
C PHE A 500 39.38 -11.85 26.30
N ASP A 501 40.41 -11.70 25.46
CA ASP A 501 41.50 -12.67 25.32
C ASP A 501 42.08 -13.04 26.67
N GLU A 502 42.18 -12.04 27.53
CA GLU A 502 42.71 -12.23 28.87
C GLU A 502 41.77 -13.13 29.65
N CYS A 503 40.48 -12.83 29.58
CA CYS A 503 39.46 -13.60 30.28
C CYS A 503 39.49 -15.08 29.85
N VAL A 504 39.61 -15.31 28.54
CA VAL A 504 39.65 -16.66 28.00
C VAL A 504 40.82 -17.42 28.62
N ALA A 505 42.02 -16.87 28.43
CA ALA A 505 43.26 -17.46 28.94
C ALA A 505 43.22 -17.73 30.45
N ALA A 506 42.46 -16.93 31.18
CA ALA A 506 42.35 -17.07 32.63
C ALA A 506 41.06 -17.78 33.03
N GLY A 507 40.34 -18.30 32.03
CA GLY A 507 39.10 -19.02 32.28
C GLY A 507 38.08 -18.31 33.13
N GLY A 508 37.80 -17.04 32.80
CA GLY A 508 36.83 -16.27 33.55
C GLY A 508 35.39 -16.70 33.31
N SER A 509 34.47 -16.16 34.11
CA SER A 509 33.05 -16.49 34.00
C SER A 509 32.33 -15.95 32.77
N ASP A 510 32.41 -14.65 32.53
CA ASP A 510 31.73 -14.03 31.41
C ASP A 510 32.22 -14.45 30.02
N CYS A 511 33.31 -15.21 29.96
CA CYS A 511 33.82 -15.64 28.67
C CYS A 511 33.82 -17.16 28.55
N ALA A 512 33.13 -17.83 29.49
CA ALA A 512 33.05 -19.28 29.51
C ALA A 512 32.32 -19.82 28.27
N PRO A 513 32.68 -21.03 27.82
CA PRO A 513 32.00 -21.58 26.65
C PRO A 513 30.48 -21.61 26.78
N GLU A 514 30.00 -22.02 27.95
CA GLU A 514 28.56 -22.10 28.17
C GLU A 514 27.80 -20.79 28.00
N LYS A 515 28.52 -19.67 27.87
CA LYS A 515 27.86 -18.39 27.66
C LYS A 515 27.56 -18.19 26.18
N LEU A 516 27.99 -19.14 25.37
CA LEU A 516 27.73 -19.08 23.94
C LEU A 516 26.32 -19.58 23.70
N TRP A 517 25.85 -20.39 24.63
CA TRP A 517 24.53 -21.00 24.54
C TRP A 517 23.45 -19.98 24.84
N LEU A 518 22.96 -19.34 23.79
CA LEU A 518 21.95 -18.30 23.96
C LEU A 518 21.00 -18.22 22.77
N GLN A 519 21.54 -18.09 21.58
CA GLN A 519 20.70 -18.01 20.39
C GLN A 519 19.91 -19.31 20.18
N ILE A 520 20.47 -20.45 20.58
CA ILE A 520 19.77 -21.70 20.39
C ILE A 520 18.55 -21.77 21.30
N PRO A 521 18.71 -21.51 22.61
CA PRO A 521 17.54 -21.57 23.50
C PRO A 521 16.47 -20.53 23.13
N PHE A 522 16.90 -19.39 22.59
CA PHE A 522 15.93 -18.35 22.23
C PHE A 522 14.96 -18.79 21.16
N PHE A 523 15.40 -19.71 20.31
CA PHE A 523 14.55 -20.23 19.24
C PHE A 523 13.87 -21.53 19.67
N CYS A 524 14.62 -22.35 20.41
CA CYS A 524 14.11 -23.63 20.90
C CYS A 524 12.88 -23.37 21.76
N GLY A 525 12.86 -22.24 22.47
CA GLY A 525 11.68 -21.92 23.24
C GLY A 525 11.66 -22.04 24.76
N HIS A 526 10.44 -22.20 25.27
CA HIS A 526 10.17 -22.33 26.70
C HIS A 526 10.15 -23.77 27.19
N SER A 527 10.90 -24.64 26.55
CA SER A 527 10.94 -26.03 26.98
C SER A 527 12.16 -26.28 27.84
N SER A 528 11.99 -27.14 28.84
CA SER A 528 13.08 -27.48 29.73
C SER A 528 14.33 -27.85 28.93
N GLU A 529 14.22 -28.85 28.07
CA GLU A 529 15.35 -29.31 27.27
C GLU A 529 16.17 -28.18 26.62
N CYS A 530 15.48 -27.13 26.23
CA CYS A 530 16.12 -25.98 25.59
C CYS A 530 17.22 -25.38 26.46
N TRP A 531 16.99 -25.36 27.75
CA TRP A 531 17.94 -24.74 28.64
C TRP A 531 19.00 -25.65 29.24
N ASN A 532 19.19 -26.81 28.65
CA ASN A 532 20.25 -27.71 29.10
C ASN A 532 21.37 -27.40 28.14
N VAL A 533 22.32 -26.60 28.60
CA VAL A 533 23.44 -26.20 27.77
C VAL A 533 24.06 -27.37 27.02
N GLY A 534 24.11 -27.24 25.69
CA GLY A 534 24.71 -28.28 24.88
C GLY A 534 23.81 -29.43 24.47
N SER A 535 22.50 -29.31 24.69
CA SER A 535 21.57 -30.38 24.30
C SER A 535 21.42 -30.47 22.80
N ARG A 536 21.59 -31.67 22.26
CA ARG A 536 21.45 -31.89 20.82
C ARG A 536 19.98 -31.64 20.43
N TRP A 537 19.05 -32.16 21.24
CA TRP A 537 17.63 -32.01 20.97
C TRP A 537 17.25 -30.53 20.82
N ALA A 538 17.78 -29.69 21.70
CA ALA A 538 17.52 -28.26 21.66
C ALA A 538 18.04 -27.68 20.34
N LEU A 539 19.19 -28.16 19.86
CA LEU A 539 19.71 -27.65 18.59
C LEU A 539 18.79 -28.04 17.43
N GLU A 540 18.13 -29.19 17.53
CA GLU A 540 17.22 -29.57 16.46
C GLU A 540 15.92 -28.78 16.57
N GLN A 541 15.42 -28.62 17.79
CA GLN A 541 14.19 -27.85 17.99
C GLN A 541 14.38 -26.41 17.55
N ALA A 542 15.57 -25.87 17.78
CA ALA A 542 15.89 -24.50 17.38
C ALA A 542 15.76 -24.36 15.89
N LYS A 543 16.38 -25.27 15.14
CA LYS A 543 16.30 -25.20 13.68
C LYS A 543 14.85 -25.36 13.24
N TYR A 544 14.12 -26.33 13.82
CA TYR A 544 12.74 -26.52 13.42
C TYR A 544 11.89 -25.27 13.66
N ASN A 545 12.01 -24.68 14.85
CA ASN A 545 11.25 -23.48 15.13
C ASN A 545 11.65 -22.36 14.17
N LEU A 546 12.96 -22.21 13.90
CA LEU A 546 13.37 -21.15 12.99
C LEU A 546 12.74 -21.35 11.61
N ILE A 547 12.70 -22.59 11.15
CA ILE A 547 12.13 -22.86 9.84
C ILE A 547 10.61 -22.86 9.84
N ASN A 548 9.99 -23.52 10.81
CA ASN A 548 8.53 -23.62 10.87
C ASN A 548 7.72 -22.43 11.40
N GLU A 549 8.29 -21.67 12.34
CA GLU A 549 7.55 -20.59 12.95
C GLU A 549 7.96 -19.17 12.61
N TYR A 550 9.22 -18.98 12.25
CA TYR A 550 9.71 -17.64 11.94
C TYR A 550 9.52 -17.20 10.50
N PHE A 551 8.96 -16.00 10.36
CA PHE A 551 8.72 -15.38 9.06
C PHE A 551 10.07 -15.19 8.34
N LEU A 552 11.02 -14.59 9.05
CA LEU A 552 12.35 -14.34 8.51
C LEU A 552 13.34 -14.03 9.63
N VAL A 553 14.52 -14.62 9.55
CA VAL A 553 15.54 -14.40 10.56
C VAL A 553 16.75 -13.86 9.83
N GLY A 554 17.13 -12.63 10.11
CA GLY A 554 18.31 -12.07 9.46
C GLY A 554 19.53 -12.15 10.37
N VAL A 555 20.71 -11.81 9.84
CA VAL A 555 21.92 -11.82 10.65
C VAL A 555 22.38 -10.37 10.87
N THR A 556 22.94 -10.10 12.05
CA THR A 556 23.39 -8.76 12.39
C THR A 556 24.18 -8.04 11.29
N GLU A 557 25.19 -8.70 10.76
CA GLU A 557 26.02 -8.11 9.72
C GLU A 557 25.36 -7.93 8.35
N GLU A 558 24.07 -8.21 8.25
CA GLU A 558 23.37 -8.08 6.97
C GLU A 558 22.03 -7.41 7.21
N LEU A 559 21.97 -6.57 8.24
CA LEU A 559 20.74 -5.88 8.61
C LEU A 559 20.04 -5.18 7.46
N GLU A 560 20.80 -4.53 6.58
CA GLU A 560 20.17 -3.80 5.45
C GLU A 560 19.38 -4.75 4.54
N ASP A 561 20.04 -5.79 4.05
CA ASP A 561 19.36 -6.76 3.19
C ASP A 561 18.10 -7.29 3.86
N PHE A 562 18.17 -7.50 5.17
CA PHE A 562 17.03 -7.99 5.96
C PHE A 562 15.87 -7.00 5.88
N ILE A 563 16.19 -5.72 6.07
CA ILE A 563 15.17 -4.68 6.03
C ILE A 563 14.54 -4.57 4.67
N MET A 564 15.37 -4.67 3.63
CA MET A 564 14.88 -4.60 2.27
C MET A 564 13.80 -5.66 2.00
N LEU A 565 14.07 -6.90 2.42
CA LEU A 565 13.13 -7.99 2.23
C LEU A 565 11.87 -7.75 3.06
N LEU A 566 12.01 -7.28 4.29
CA LEU A 566 10.83 -7.05 5.09
C LEU A 566 9.98 -5.94 4.52
N GLU A 567 10.61 -4.99 3.86
CA GLU A 567 9.88 -3.87 3.26
C GLU A 567 9.09 -4.34 2.03
N ALA A 568 9.45 -5.50 1.50
CA ALA A 568 8.75 -6.03 0.35
C ALA A 568 7.62 -6.95 0.82
N ALA A 569 7.90 -7.80 1.81
CA ALA A 569 6.91 -8.74 2.31
C ALA A 569 5.92 -8.23 3.36
N LEU A 570 6.28 -7.19 4.08
CA LEU A 570 5.42 -6.66 5.14
C LEU A 570 5.47 -5.12 5.10
N PRO A 571 4.99 -4.54 3.99
CA PRO A 571 4.99 -3.09 3.81
C PRO A 571 4.21 -2.28 4.85
N ARG A 572 3.17 -2.86 5.44
CA ARG A 572 2.40 -2.13 6.43
C ARG A 572 3.28 -1.68 7.58
N PHE A 573 4.28 -2.50 7.88
CA PHE A 573 5.21 -2.25 8.97
C PHE A 573 6.50 -1.56 8.56
N PHE A 574 7.11 -2.08 7.51
CA PHE A 574 8.40 -1.58 7.08
C PHE A 574 8.47 -0.75 5.81
N ARG A 575 7.36 -0.13 5.42
CA ARG A 575 7.36 0.70 4.24
C ARG A 575 8.21 1.92 4.53
N GLY A 576 9.30 2.07 3.78
CA GLY A 576 10.20 3.19 3.97
C GLY A 576 11.33 2.86 4.92
N ALA A 577 11.42 1.62 5.40
CA ALA A 577 12.47 1.29 6.33
C ALA A 577 13.85 1.34 5.70
N THR A 578 13.95 0.96 4.44
CA THR A 578 15.24 0.98 3.75
C THR A 578 15.82 2.39 3.68
N GLU A 579 15.02 3.32 3.18
CA GLU A 579 15.48 4.69 3.05
C GLU A 579 15.87 5.24 4.43
N LEU A 580 15.07 4.93 5.44
CA LEU A 580 15.36 5.39 6.80
C LEU A 580 16.70 4.85 7.28
N TYR A 581 16.94 3.57 7.01
CA TYR A 581 18.19 2.94 7.40
C TYR A 581 19.33 3.61 6.65
N ARG A 582 19.21 3.62 5.33
CA ARG A 582 20.23 4.19 4.46
C ARG A 582 20.56 5.66 4.69
N THR A 583 19.67 6.40 5.33
CA THR A 583 19.95 7.83 5.52
C THR A 583 19.36 8.45 6.79
N GLY A 584 19.46 7.79 7.94
CA GLY A 584 18.87 8.37 9.13
C GLY A 584 19.74 8.70 10.33
N LYS A 585 20.96 8.20 10.35
CA LYS A 585 21.89 8.43 11.46
C LYS A 585 21.62 7.43 12.59
N LYS A 586 20.34 7.23 12.91
CA LYS A 586 19.94 6.28 13.94
C LYS A 586 20.03 4.84 13.38
N SER A 587 20.98 4.65 12.47
CA SER A 587 21.20 3.36 11.80
C SER A 587 22.07 2.35 12.55
N HIS A 588 23.09 2.84 13.26
CA HIS A 588 23.97 1.95 14.02
C HIS A 588 23.94 2.37 15.47
N LEU A 589 22.76 2.30 16.08
CA LEU A 589 22.56 2.69 17.46
C LEU A 589 23.27 1.72 18.40
N ARG A 590 23.32 2.11 19.67
CA ARG A 590 23.93 1.33 20.74
C ARG A 590 25.23 0.59 20.40
N LYS A 591 26.23 1.32 19.90
CA LYS A 591 27.53 0.70 19.58
C LYS A 591 28.28 0.58 20.91
N THR A 592 29.12 -0.43 21.05
CA THR A 592 29.88 -0.55 22.29
C THR A 592 31.07 0.40 22.17
N THR A 593 31.24 1.29 23.14
CA THR A 593 32.30 2.30 23.12
C THR A 593 33.73 1.81 22.87
N GLU A 594 34.18 0.80 23.60
CA GLU A 594 35.53 0.28 23.40
C GLU A 594 35.51 -1.24 23.27
N LYS A 595 36.21 -1.76 22.26
CA LYS A 595 36.28 -3.20 22.06
C LYS A 595 37.69 -3.61 21.67
N LYS A 596 37.99 -4.90 21.79
CA LYS A 596 39.31 -5.41 21.45
C LYS A 596 39.18 -6.76 20.75
N LEU A 597 39.38 -6.76 19.44
CA LEU A 597 39.29 -7.96 18.62
C LEU A 597 39.94 -9.15 19.31
N PRO A 598 39.27 -10.31 19.30
CA PRO A 598 39.84 -11.48 19.94
C PRO A 598 41.10 -11.95 19.22
N THR A 599 41.83 -12.87 19.86
CA THR A 599 43.07 -13.41 19.33
C THR A 599 42.79 -14.60 18.42
N ALA A 600 43.54 -14.69 17.32
CA ALA A 600 43.38 -15.81 16.41
C ALA A 600 43.48 -17.09 17.23
N ALA A 601 44.25 -17.04 18.31
CA ALA A 601 44.43 -18.17 19.19
C ALA A 601 43.32 -18.26 20.21
N THR A 602 42.78 -17.10 20.62
CA THR A 602 41.69 -17.04 21.59
C THR A 602 40.41 -17.62 20.97
N ILE A 603 40.24 -17.38 19.67
CA ILE A 603 39.09 -17.88 18.95
C ILE A 603 39.26 -19.39 18.77
N ALA A 604 40.38 -19.79 18.20
CA ALA A 604 40.65 -21.20 17.97
C ALA A 604 40.42 -22.00 19.25
N LYS A 605 40.55 -21.34 20.40
CA LYS A 605 40.34 -22.02 21.68
C LYS A 605 38.86 -22.20 21.96
N LEU A 606 38.08 -21.16 21.70
CA LEU A 606 36.64 -21.22 21.92
C LEU A 606 36.05 -22.25 20.97
N GLN A 607 36.62 -22.33 19.77
CA GLN A 607 36.15 -23.28 18.76
C GLN A 607 36.45 -24.73 19.04
N GLN A 608 36.88 -25.06 20.24
CA GLN A 608 37.17 -26.45 20.58
C GLN A 608 36.01 -26.93 21.44
N SER A 609 35.22 -25.96 21.89
CA SER A 609 34.06 -26.23 22.74
C SER A 609 32.86 -26.80 21.99
N GLU A 610 32.20 -27.77 22.62
CA GLU A 610 31.02 -28.37 22.01
C GLU A 610 29.94 -27.28 21.91
N ILE A 611 29.89 -26.42 22.92
CA ILE A 611 28.91 -25.37 22.92
C ILE A 611 29.13 -24.48 21.72
N TRP A 612 30.37 -24.16 21.41
CA TRP A 612 30.61 -23.31 20.24
C TRP A 612 30.16 -24.02 18.95
N LYS A 613 30.61 -25.25 18.75
CA LYS A 613 30.26 -26.00 17.56
C LYS A 613 28.76 -25.99 17.30
N MET A 614 27.98 -26.25 18.34
CA MET A 614 26.53 -26.27 18.21
C MET A 614 25.99 -24.90 17.81
N GLU A 615 26.24 -23.90 18.66
CA GLU A 615 25.80 -22.55 18.39
C GLU A 615 26.27 -22.06 17.03
N ASN A 616 27.38 -22.64 16.55
CA ASN A 616 27.90 -22.23 15.27
C ASN A 616 27.11 -22.90 14.16
N GLU A 617 26.75 -24.15 14.38
CA GLU A 617 25.97 -24.92 13.41
C GLU A 617 24.65 -24.18 13.22
N PHE A 618 24.09 -23.72 14.32
CA PHE A 618 22.83 -23.01 14.28
C PHE A 618 22.94 -21.73 13.46
N TYR A 619 23.93 -20.90 13.77
CA TYR A 619 24.14 -19.65 13.06
C TYR A 619 24.26 -19.88 11.56
N GLU A 620 25.01 -20.92 11.19
CA GLU A 620 25.26 -21.27 9.80
C GLU A 620 23.95 -21.64 9.13
N PHE A 621 23.15 -22.44 9.83
CA PHE A 621 21.86 -22.89 9.33
C PHE A 621 21.03 -21.67 9.00
N ALA A 622 20.97 -20.74 9.96
CA ALA A 622 20.20 -19.52 9.78
C ALA A 622 20.75 -18.63 8.67
N LEU A 623 22.08 -18.52 8.60
CA LEU A 623 22.70 -17.68 7.58
C LEU A 623 22.44 -18.25 6.18
N GLU A 624 22.59 -19.56 6.04
CA GLU A 624 22.35 -20.20 4.74
C GLU A 624 20.90 -19.93 4.36
N GLN A 625 19.99 -20.10 5.32
CA GLN A 625 18.57 -19.86 5.08
C GLN A 625 18.25 -18.43 4.66
N PHE A 626 18.98 -17.45 5.20
CA PHE A 626 18.74 -16.05 4.83
C PHE A 626 19.28 -15.80 3.42
N GLN A 627 20.48 -16.29 3.16
CA GLN A 627 21.10 -16.10 1.86
C GLN A 627 20.22 -16.71 0.78
N PHE A 628 19.61 -17.84 1.13
CA PHE A 628 18.72 -18.55 0.22
C PHE A 628 17.49 -17.71 -0.07
N VAL A 629 16.86 -17.19 0.98
CA VAL A 629 15.67 -16.39 0.81
C VAL A 629 15.98 -15.16 -0.03
N ARG A 630 17.10 -14.50 0.27
CA ARG A 630 17.53 -13.31 -0.46
C ARG A 630 17.79 -13.65 -1.92
N ALA A 631 18.48 -14.77 -2.13
CA ALA A 631 18.81 -15.19 -3.48
C ALA A 631 17.57 -15.44 -4.31
N HIS A 632 16.56 -16.11 -3.74
CA HIS A 632 15.34 -16.37 -4.51
C HIS A 632 14.39 -15.18 -4.48
N ALA A 633 14.81 -14.11 -3.83
CA ALA A 633 13.96 -12.92 -3.73
C ALA A 633 14.45 -11.71 -4.53
N VAL A 634 15.74 -11.64 -4.80
CA VAL A 634 16.25 -10.48 -5.52
C VAL A 634 17.13 -10.80 -6.71
N ARG A 635 17.42 -9.75 -7.47
CA ARG A 635 18.30 -9.81 -8.64
C ARG A 635 19.28 -8.66 -8.47
N GLU A 636 20.52 -8.84 -8.91
CA GLU A 636 21.54 -7.80 -8.80
C GLU A 636 21.83 -7.10 -10.12
N LYS A 637 22.10 -5.80 -10.04
CA LYS A 637 22.42 -4.99 -11.21
C LYS A 637 23.33 -3.84 -10.79
N ASP A 638 24.60 -3.91 -11.17
CA ASP A 638 25.56 -2.87 -10.83
C ASP A 638 25.75 -2.80 -9.32
N GLY A 639 25.85 -3.97 -8.69
CA GLY A 639 26.03 -4.05 -7.26
C GLY A 639 24.75 -3.75 -6.49
N GLU A 640 23.72 -3.32 -7.21
CA GLU A 640 22.44 -2.99 -6.59
C GLU A 640 21.47 -4.18 -6.59
N LEU A 641 20.72 -4.31 -5.49
CA LEU A 641 19.76 -5.39 -5.36
C LEU A 641 18.34 -4.88 -5.68
N TYR A 642 17.60 -5.69 -6.43
CA TYR A 642 16.23 -5.33 -6.80
C TYR A 642 15.29 -6.49 -6.47
N ILE A 643 14.08 -6.16 -6.02
CA ILE A 643 13.11 -7.18 -5.66
C ILE A 643 12.48 -7.80 -6.90
N LEU A 644 12.67 -9.10 -7.09
CA LEU A 644 12.08 -9.76 -8.25
C LEU A 644 10.59 -9.50 -8.26
N ALA A 645 10.04 -9.25 -9.45
CA ALA A 645 8.61 -9.01 -9.57
C ALA A 645 7.88 -10.34 -9.39
N GLN A 646 6.58 -10.28 -9.16
CA GLN A 646 5.79 -11.50 -8.97
C GLN A 646 6.02 -12.50 -10.11
N ASN A 647 6.30 -13.75 -9.75
CA ASN A 647 6.55 -14.80 -10.73
C ASN A 647 5.51 -15.91 -10.72
N PHE A 648 4.24 -15.57 -10.63
CA PHE A 648 3.19 -16.58 -10.66
C PHE A 648 1.86 -15.90 -10.85
N PHE A 649 0.91 -16.62 -11.42
CA PHE A 649 -0.43 -16.11 -11.63
C PHE A 649 -1.35 -17.32 -11.73
N TYR A 650 -2.65 -17.09 -11.81
CA TYR A 650 -3.60 -18.19 -11.87
C TYR A 650 -4.20 -18.30 -13.27
N GLU A 651 -4.26 -19.53 -13.77
CA GLU A 651 -4.82 -19.76 -15.09
C GLU A 651 -5.75 -20.97 -15.04
N LYS A 652 -6.50 -21.19 -16.11
CA LYS A 652 -7.44 -22.29 -16.19
C LYS A 652 -8.39 -22.31 -14.99
N ILE A 653 -8.92 -21.13 -14.65
CA ILE A 653 -9.85 -21.02 -13.54
C ILE A 653 -11.23 -21.47 -14.00
N TYR A 654 -11.85 -22.38 -13.26
CA TYR A 654 -13.16 -22.91 -13.62
C TYR A 654 -14.07 -23.11 -12.42
N PRO A 655 -15.35 -22.72 -12.56
CA PRO A 655 -15.94 -22.14 -13.75
C PRO A 655 -15.68 -20.63 -13.83
N LYS A 656 -16.10 -20.00 -14.93
CA LYS A 656 -15.89 -18.57 -15.14
C LYS A 656 -16.94 -17.72 -14.41
C1 GLC B . -13.08 11.34 -10.30
C2 GLC B . -13.46 10.07 -11.07
C3 GLC B . -13.23 8.84 -10.20
C4 GLC B . -11.81 8.83 -9.64
C5 GLC B . -11.51 10.17 -8.93
C6 GLC B . -10.05 10.24 -8.50
O1 GLC B . -13.91 11.49 -9.20
O2 GLC B . -14.82 10.12 -11.46
O3 GLC B . -13.44 7.67 -10.97
O4 GLC B . -11.65 7.73 -8.74
O5 GLC B . -11.72 11.27 -9.84
O6 GLC B . -9.87 11.16 -7.42
C1 GLC B . -10.93 6.65 -9.25
C2 GLC B . -11.65 5.35 -8.91
C3 GLC B . -11.65 5.17 -7.39
C4 GLC B . -10.19 5.11 -6.92
C5 GLC B . -9.45 6.39 -7.34
C6 GLC B . -7.97 6.33 -7.02
O2 GLC B . -12.96 5.41 -9.41
O3 GLC B . -12.31 3.97 -7.05
O4 GLC B . -10.11 4.96 -5.51
O5 GLC B . -9.58 6.59 -8.77
O6 GLC B . -7.21 7.19 -7.86
P1 A3P C . 29.23 -3.92 18.97
O1P A3P C . 29.18 -4.00 20.43
O2P A3P C . 29.65 -2.61 18.52
O3P A3P C . 30.14 -4.98 18.46
P2 A3P C . 21.86 -4.51 20.40
O4P A3P C . 21.14 -3.55 19.55
O5P A3P C . 21.21 -5.83 20.38
O6P A3P C . 21.92 -4.01 21.80
O5' A3P C . 23.32 -4.73 19.82
C5' A3P C . 24.30 -3.69 19.67
C4' A3P C . 25.41 -4.21 18.71
O4' A3P C . 24.91 -4.11 17.34
C3' A3P C . 26.67 -3.36 18.70
O3' A3P C . 27.80 -4.21 18.43
C2' A3P C . 26.40 -2.38 17.61
O2' A3P C . 27.49 -1.62 17.14
C1' A3P C . 25.77 -3.29 16.56
N9 A3P C . 24.99 -2.56 15.54
C8 A3P C . 24.09 -1.52 15.72
N7 A3P C . 23.55 -1.07 14.62
C5 A3P C . 24.10 -1.86 13.64
C6 A3P C . 23.93 -1.89 12.22
N6 A3P C . 23.10 -1.05 11.57
N1 A3P C . 24.65 -2.83 11.50
C2 A3P C . 25.49 -3.69 12.14
N3 A3P C . 25.74 -3.75 13.49
C4 A3P C . 25.00 -2.80 14.18
#